data_1ND2
#
_entry.id   1ND2
#
_cell.length_a   360.374
_cell.length_b   343.626
_cell.length_c   332.650
_cell.angle_alpha   90.00
_cell.angle_beta   90.00
_cell.angle_gamma   90.00
#
_symmetry.space_group_name_H-M   'P 2 21 21'
#
loop_
_entity.id
_entity.type
_entity.pdbx_description
1 polymer 'coat protein VP1'
2 polymer 'coat protein VP2'
3 polymer 'coat protein VP3'
4 polymer 'coat protein VP4'
5 non-polymer 'ZINC ION'
6 non-polymer 'MYRISTIC ACID'
7 water water
#
loop_
_entity_poly.entity_id
_entity_poly.type
_entity_poly.pdbx_seq_one_letter_code
_entity_poly.pdbx_strand_id
1 'polypeptide(L)'
;NPVERYVDEVLNEVLVVPNINQSHPTTSNAAPVLDAAETGHTNKIQPEDTIETRYVQSSQTLDEMSVESFLGRSGCIHES
VLDIVDNYNDQSFTKWNINLQEMAQIRRKFEMFTYARFDSEITMVPSVAAKDGHIGHIVMQYMYVPPGAPIPTTRDDYAW
QSGTNASVFWQHGQPFPRFSLPFLSIASAYYMFYDGYDGDTYKSRYGTVVTNDMGTLCSRIVTSEQLHKVKVVTRIYHKA
KHTKAWCPRPPRAVQYSHTHTTNYKLSSEVHNDVAIRPRTNLTTV
;
A
2 'polypeptide(L)'
;SPSVEACGYSDRIIQITRGDSTITSQDVANAVVGYGVWPHYLTPQDATAIDKPTQPDTSSNRFYTLDSKMWNSTSKGWWW
KLPDALKDMGIFGENMFYHFLGRSGYTVHVQCNASKFHQGTLLVVMIPEHQLATVNKGNVNAGYKYTHPGEAGREVGTQV
ENEKQPSDDNWLNFDGTLLGNLLIFPHQFINLRSNNSATLIVPYVNAVPMDSMVRHNNWSLVIIPVCQLQSNNISNIVPI
TVSISPMCAEFSGARAKTVVQ
;
B
3 'polypeptide(L)'
;GLPVYVTPGSGQFMTTDDMQSPCALPWYHPTKEIFIPGEVKNLIEMCQVDTLIPINSTQSNIGNVSMYTVTLSPQTKLAE
EIFAIKVDIASHPLATTLIGEIASYFTHWTGSLRFSFMFCGTANTTLKVLLAYTPPGIGKPRSRKEAMLGTHVVWDVGLQ
STVSLVVPWISASQYRFTTPDTYSSAGYITCWYQTNFVVPPNTPNTAEMLCFVSGCKDFCLRMARDTDLHKQTGPITQ
;
C
4 'polypeptide(L)' GAQVSRQNVGTHSTQNMVSNGSSLNYFNINYFKDAASSGASRLDFSQDPSKFTDPVKDVLEKGIPTLQ D
#
# COMPACT_ATOMS: atom_id res chain seq x y z
N ASN A 1 21.74 2.19 27.15
CA ASN A 1 21.24 2.02 28.55
C ASN A 1 19.73 1.77 28.53
N PRO A 2 19.28 0.73 29.25
CA PRO A 2 17.85 0.43 29.29
C PRO A 2 17.07 1.51 30.05
N VAL A 3 17.82 2.42 30.67
CA VAL A 3 17.24 3.53 31.43
C VAL A 3 17.24 4.79 30.57
N GLU A 4 18.22 4.90 29.68
CA GLU A 4 18.33 6.05 28.78
C GLU A 4 17.28 5.88 27.68
N ARG A 5 17.05 4.62 27.30
CA ARG A 5 16.08 4.28 26.28
C ARG A 5 14.70 4.48 26.87
N TYR A 6 14.60 4.34 28.19
CA TYR A 6 13.35 4.53 28.92
C TYR A 6 12.95 5.99 28.83
N VAL A 7 13.91 6.88 29.05
CA VAL A 7 13.66 8.31 29.00
C VAL A 7 13.19 8.73 27.60
N ASP A 8 13.77 8.12 26.58
CA ASP A 8 13.40 8.42 25.20
C ASP A 8 11.98 7.98 24.90
N GLU A 9 11.54 6.91 25.55
CA GLU A 9 10.19 6.39 25.36
C GLU A 9 9.15 7.33 25.98
N VAL A 10 9.46 7.82 27.18
CA VAL A 10 8.58 8.73 27.89
C VAL A 10 8.45 10.05 27.13
N LEU A 11 9.58 10.52 26.61
CA LEU A 11 9.62 11.78 25.86
C LEU A 11 9.28 11.59 24.39
N ASN A 12 9.20 10.32 23.96
CA ASN A 12 8.88 9.98 22.57
C ASN A 12 9.92 10.55 21.61
N GLU A 13 11.19 10.29 21.94
CA GLU A 13 12.31 10.77 21.13
C GLU A 13 13.24 9.62 20.76
N VAL A 14 12.66 8.49 20.38
CA VAL A 14 13.44 7.32 20.00
C VAL A 14 13.97 7.46 18.57
N LEU A 15 13.13 7.98 17.68
CA LEU A 15 13.52 8.16 16.27
C LEU A 15 13.57 9.63 15.91
N VAL A 16 14.77 10.19 15.93
CA VAL A 16 14.96 11.61 15.63
C VAL A 16 15.16 11.85 14.14
N VAL A 17 14.80 13.04 13.67
CA VAL A 17 14.98 13.36 12.27
C VAL A 17 16.25 14.21 12.12
N PRO A 18 16.93 14.08 10.97
CA PRO A 18 18.17 14.81 10.69
C PRO A 18 18.04 16.34 10.73
N ASN A 19 19.15 17.02 11.05
CA ASN A 19 19.16 18.47 11.08
C ASN A 19 19.34 18.97 9.65
N ILE A 20 19.15 20.26 9.46
CA ILE A 20 19.39 20.88 8.17
C ILE A 20 20.70 21.62 8.39
N ASN A 21 21.67 21.42 7.50
CA ASN A 21 22.95 22.09 7.65
C ASN A 21 23.01 23.32 6.79
N GLN A 22 23.90 24.24 7.15
CA GLN A 22 24.06 25.45 6.37
C GLN A 22 24.68 25.08 5.02
N SER A 23 24.19 25.70 3.95
CA SER A 23 24.73 25.44 2.61
C SER A 23 25.19 26.77 2.02
N HIS A 24 25.87 26.71 0.88
CA HIS A 24 26.40 27.90 0.25
C HIS A 24 26.16 27.94 -1.24
N PRO A 25 26.43 29.08 -1.89
CA PRO A 25 26.22 29.15 -3.33
C PRO A 25 27.17 28.18 -4.01
N THR A 26 26.74 27.58 -5.12
CA THR A 26 27.58 26.62 -5.82
C THR A 26 27.54 26.83 -7.33
N THR A 27 28.60 26.41 -7.99
CA THR A 27 28.73 26.49 -9.43
C THR A 27 29.51 25.23 -9.77
N SER A 28 28.81 24.20 -10.23
CA SER A 28 29.46 22.93 -10.52
C SER A 28 28.84 22.18 -11.69
N ASN A 29 29.57 21.19 -12.21
CA ASN A 29 29.03 20.40 -13.31
C ASN A 29 28.35 19.16 -12.74
N ALA A 30 28.18 19.18 -11.42
CA ALA A 30 27.49 18.12 -10.70
C ALA A 30 26.12 18.74 -10.44
N ALA A 31 25.09 18.18 -11.06
CA ALA A 31 23.75 18.72 -10.90
C ALA A 31 22.82 17.74 -10.19
N PRO A 32 22.80 17.79 -8.86
CA PRO A 32 21.95 16.91 -8.05
C PRO A 32 20.46 16.98 -8.42
N VAL A 33 19.99 18.18 -8.78
CA VAL A 33 18.58 18.36 -9.14
C VAL A 33 18.16 17.58 -10.39
N LEU A 34 19.14 17.15 -11.18
CA LEU A 34 18.84 16.39 -12.39
C LEU A 34 19.01 14.91 -12.14
N ASP A 35 18.07 14.11 -12.64
CA ASP A 35 18.11 12.67 -12.47
C ASP A 35 17.26 11.99 -13.54
N ALA A 36 16.88 10.74 -13.29
CA ALA A 36 16.07 9.98 -14.23
C ALA A 36 15.08 9.10 -13.48
N ALA A 37 13.83 9.51 -13.43
CA ALA A 37 12.79 8.77 -12.74
C ALA A 37 12.55 7.39 -13.38
N GLU A 38 13.03 7.21 -14.61
CA GLU A 38 12.86 5.93 -15.30
C GLU A 38 13.52 4.79 -14.53
N THR A 39 14.55 5.11 -13.76
CA THR A 39 15.27 4.12 -12.97
C THR A 39 14.39 3.45 -11.93
N GLY A 40 13.33 4.14 -11.52
CA GLY A 40 12.44 3.60 -10.51
C GLY A 40 12.87 4.02 -9.11
N HIS A 41 13.89 4.88 -9.04
CA HIS A 41 14.39 5.37 -7.76
C HIS A 41 14.00 6.82 -7.57
N THR A 42 13.93 7.26 -6.33
CA THR A 42 13.58 8.64 -6.01
C THR A 42 14.86 9.45 -5.89
N ASN A 43 14.89 10.63 -6.48
CA ASN A 43 16.07 11.49 -6.41
C ASN A 43 16.29 11.76 -4.92
N LYS A 44 17.52 11.59 -4.46
CA LYS A 44 17.77 11.83 -3.04
C LYS A 44 18.20 13.23 -2.67
N ILE A 45 17.91 14.18 -3.56
CA ILE A 45 18.25 15.57 -3.33
C ILE A 45 17.60 16.11 -2.06
N GLN A 46 18.33 16.97 -1.34
CA GLN A 46 17.82 17.56 -0.11
C GLN A 46 17.84 19.08 -0.23
N PRO A 47 17.12 19.79 0.66
CA PRO A 47 17.09 21.25 0.59
C PRO A 47 18.43 21.97 0.51
N GLU A 48 19.46 21.45 1.19
CA GLU A 48 20.78 22.08 1.14
C GLU A 48 21.35 22.15 -0.27
N ASP A 49 20.88 21.26 -1.16
CA ASP A 49 21.37 21.20 -2.53
C ASP A 49 20.71 22.15 -3.52
N THR A 50 19.56 22.72 -3.18
CA THR A 50 18.86 23.59 -4.11
C THR A 50 18.77 25.05 -3.70
N ILE A 51 19.01 25.34 -2.43
CA ILE A 51 18.99 26.71 -1.94
C ILE A 51 20.07 26.84 -0.89
N GLU A 52 20.32 28.08 -0.45
CA GLU A 52 21.29 28.29 0.60
C GLU A 52 20.53 28.22 1.91
N THR A 53 20.72 27.12 2.62
CA THR A 53 20.04 26.90 3.89
C THR A 53 20.86 27.37 5.08
N ARG A 54 20.20 27.58 6.20
CA ARG A 54 20.86 27.96 7.43
C ARG A 54 20.99 26.65 8.20
N TYR A 55 21.66 26.69 9.34
CA TYR A 55 21.79 25.50 10.16
C TYR A 55 20.59 25.50 11.11
N VAL A 56 19.88 24.37 11.18
CA VAL A 56 18.71 24.25 12.05
C VAL A 56 18.73 22.90 12.76
N GLN A 57 18.57 22.90 14.08
CA GLN A 57 18.54 21.65 14.84
C GLN A 57 17.13 21.10 14.90
N SER A 58 16.93 19.94 14.27
CA SER A 58 15.62 19.29 14.26
C SER A 58 15.30 18.70 15.62
N SER A 59 14.03 18.83 16.03
CA SER A 59 13.57 18.30 17.30
C SER A 59 12.41 17.33 17.08
N GLN A 60 12.01 17.17 15.82
CA GLN A 60 10.92 16.27 15.48
C GLN A 60 11.34 14.81 15.65
N THR A 61 10.37 13.96 15.95
CA THR A 61 10.65 12.53 16.11
C THR A 61 9.64 11.73 15.29
N LEU A 62 10.05 10.57 14.82
CA LEU A 62 9.20 9.72 13.99
C LEU A 62 8.49 8.60 14.73
N ASP A 63 8.61 8.59 16.05
CA ASP A 63 7.99 7.57 16.89
C ASP A 63 6.53 7.30 16.55
N GLU A 64 5.73 8.37 16.50
CA GLU A 64 4.31 8.24 16.22
C GLU A 64 4.00 7.73 14.82
N MET A 65 4.98 7.76 13.91
CA MET A 65 4.79 7.27 12.55
C MET A 65 5.19 5.81 12.40
N SER A 66 5.62 5.20 13.50
CA SER A 66 6.02 3.80 13.48
C SER A 66 4.83 2.91 13.14
N VAL A 67 5.11 1.72 12.62
CA VAL A 67 4.04 0.78 12.28
C VAL A 67 3.26 0.40 13.55
N GLU A 68 3.98 0.21 14.66
CA GLU A 68 3.34 -0.15 15.93
C GLU A 68 2.31 0.91 16.30
N SER A 69 2.69 2.18 16.13
CA SER A 69 1.80 3.29 16.43
C SER A 69 0.63 3.40 15.47
N PHE A 70 0.92 3.32 14.17
CA PHE A 70 -0.10 3.42 13.14
C PHE A 70 -1.23 2.41 13.28
N LEU A 71 -0.88 1.16 13.53
CA LEU A 71 -1.88 0.10 13.65
C LEU A 71 -2.21 -0.22 15.11
N GLY A 72 -1.57 0.49 16.03
CA GLY A 72 -1.78 0.22 17.45
C GLY A 72 -2.88 1.00 18.14
N ARG A 73 -3.95 1.30 17.43
CA ARG A 73 -5.08 2.03 18.00
C ARG A 73 -6.32 1.16 17.87
N SER A 74 -7.07 1.02 18.96
CA SER A 74 -8.25 0.18 18.98
C SER A 74 -9.42 0.76 18.20
N GLY A 75 -9.89 0.01 17.20
CA GLY A 75 -11.01 0.45 16.38
C GLY A 75 -12.09 -0.59 16.27
N CYS A 76 -13.32 -0.15 16.02
CA CYS A 76 -14.46 -1.07 15.91
C CYS A 76 -14.39 -1.97 14.69
N ILE A 77 -14.64 -3.26 14.88
CA ILE A 77 -14.62 -4.21 13.77
C ILE A 77 -15.94 -4.97 13.64
N HIS A 78 -16.81 -4.83 14.63
CA HIS A 78 -18.10 -5.53 14.62
C HIS A 78 -19.08 -4.96 15.63
N GLU A 79 -20.37 -5.02 15.29
CA GLU A 79 -21.42 -4.54 16.18
C GLU A 79 -22.48 -5.64 16.27
N SER A 80 -22.33 -6.50 17.28
CA SER A 80 -23.24 -7.62 17.48
C SER A 80 -24.56 -7.19 18.11
N VAL A 81 -25.66 -7.68 17.53
CA VAL A 81 -26.99 -7.33 18.03
C VAL A 81 -27.83 -8.51 18.50
N LEU A 82 -28.34 -8.41 19.71
CA LEU A 82 -29.22 -9.42 20.28
C LEU A 82 -30.46 -8.62 20.65
N ASP A 83 -31.46 -8.66 19.78
CA ASP A 83 -32.69 -7.91 19.98
C ASP A 83 -33.86 -8.82 20.32
N ILE A 84 -34.29 -8.78 21.58
CA ILE A 84 -35.42 -9.60 22.01
C ILE A 84 -36.71 -8.96 21.52
N VAL A 85 -37.34 -9.58 20.54
CA VAL A 85 -38.58 -9.06 19.97
C VAL A 85 -39.81 -9.87 20.36
N ASP A 86 -39.83 -11.15 19.99
CA ASP A 86 -40.97 -11.99 20.30
C ASP A 86 -40.65 -13.45 20.65
N ASN A 87 -39.37 -13.81 20.61
CA ASN A 87 -38.98 -15.18 20.93
C ASN A 87 -37.60 -15.18 21.60
N TYR A 88 -37.58 -15.30 22.92
CA TYR A 88 -36.33 -15.28 23.65
C TYR A 88 -35.35 -16.38 23.24
N ASN A 89 -35.85 -17.60 23.12
CA ASN A 89 -35.01 -18.73 22.74
C ASN A 89 -34.27 -18.55 21.42
N ASP A 90 -34.90 -17.89 20.45
CA ASP A 90 -34.27 -17.70 19.15
C ASP A 90 -33.47 -16.42 19.04
N GLN A 91 -33.89 -15.39 19.76
CA GLN A 91 -33.25 -14.09 19.70
C GLN A 91 -32.20 -13.77 20.76
N SER A 92 -32.02 -14.66 21.74
CA SER A 92 -31.05 -14.41 22.81
C SER A 92 -29.62 -14.88 22.54
N PHE A 93 -29.35 -15.35 21.33
CA PHE A 93 -28.01 -15.79 20.98
C PHE A 93 -27.75 -15.56 19.49
N THR A 94 -26.48 -15.48 19.11
CA THR A 94 -26.11 -15.25 17.73
C THR A 94 -24.66 -15.65 17.49
N LYS A 95 -24.20 -15.51 16.25
CA LYS A 95 -22.83 -15.87 15.90
C LYS A 95 -22.29 -14.94 14.82
N TRP A 96 -20.98 -14.81 14.75
CA TRP A 96 -20.33 -13.95 13.75
C TRP A 96 -19.05 -14.57 13.23
N ASN A 97 -18.90 -14.66 11.92
CA ASN A 97 -17.68 -15.21 11.33
C ASN A 97 -16.66 -14.08 11.42
N ILE A 98 -15.71 -14.22 12.34
CA ILE A 98 -14.69 -13.21 12.60
C ILE A 98 -13.83 -12.78 11.41
N ASN A 99 -13.62 -11.47 11.31
CA ASN A 99 -12.80 -10.88 10.25
C ASN A 99 -12.61 -9.39 10.51
N LEU A 100 -11.65 -8.78 9.82
CA LEU A 100 -11.38 -7.35 9.95
C LEU A 100 -11.74 -6.65 8.65
N GLN A 101 -12.72 -7.20 7.94
CA GLN A 101 -13.14 -6.67 6.64
C GLN A 101 -14.41 -5.82 6.65
N GLU A 102 -15.17 -5.85 7.73
CA GLU A 102 -16.44 -5.13 7.77
C GLU A 102 -16.50 -3.65 8.13
N MET A 103 -15.42 -3.12 8.71
CA MET A 103 -15.38 -1.71 9.08
C MET A 103 -14.26 -1.03 8.32
N ALA A 104 -14.62 -0.05 7.50
CA ALA A 104 -13.67 0.67 6.66
C ALA A 104 -12.45 1.29 7.31
N GLN A 105 -12.63 2.00 8.42
CA GLN A 105 -11.50 2.66 9.06
C GLN A 105 -10.28 1.81 9.37
N ILE A 106 -10.44 0.71 10.11
CA ILE A 106 -9.26 -0.11 10.40
C ILE A 106 -8.85 -0.96 9.21
N ARG A 107 -9.81 -1.40 8.40
CA ARG A 107 -9.49 -2.22 7.24
C ARG A 107 -8.53 -1.51 6.30
N ARG A 108 -8.82 -0.24 6.01
CA ARG A 108 -7.98 0.54 5.11
C ARG A 108 -6.55 0.70 5.60
N LYS A 109 -6.38 0.86 6.90
CA LYS A 109 -5.04 1.04 7.46
C LYS A 109 -4.21 -0.24 7.32
N PHE A 110 -4.79 -1.37 7.68
CA PHE A 110 -4.08 -2.63 7.55
C PHE A 110 -3.81 -2.94 6.08
N GLU A 111 -4.73 -2.55 5.20
CA GLU A 111 -4.56 -2.84 3.78
C GLU A 111 -3.57 -1.92 3.08
N MET A 112 -2.79 -1.18 3.85
CA MET A 112 -1.78 -0.33 3.25
C MET A 112 -0.49 -1.14 3.19
N PHE A 113 -0.62 -2.41 3.55
CA PHE A 113 0.49 -3.36 3.55
C PHE A 113 -0.03 -4.64 2.91
N THR A 114 0.86 -5.47 2.39
CA THR A 114 0.45 -6.72 1.78
C THR A 114 0.36 -7.83 2.81
N TYR A 115 1.31 -7.84 3.75
CA TYR A 115 1.33 -8.85 4.81
C TYR A 115 1.53 -8.14 6.15
N ALA A 116 0.98 -8.73 7.20
CA ALA A 116 1.12 -8.16 8.54
C ALA A 116 1.05 -9.27 9.57
N ARG A 117 1.89 -9.15 10.61
CA ARG A 117 1.94 -10.13 11.68
C ARG A 117 1.79 -9.36 12.99
N PHE A 118 0.89 -9.81 13.85
CA PHE A 118 0.67 -9.12 15.12
C PHE A 118 -0.24 -9.89 16.06
N ASP A 119 -0.17 -9.53 17.34
CA ASP A 119 -1.04 -10.15 18.34
C ASP A 119 -2.22 -9.19 18.39
N SER A 120 -3.35 -9.64 18.91
CA SER A 120 -4.52 -8.78 18.96
C SER A 120 -5.10 -8.56 20.34
N GLU A 121 -5.50 -7.32 20.61
CA GLU A 121 -6.15 -7.00 21.87
C GLU A 121 -7.60 -6.76 21.51
N ILE A 122 -8.49 -7.56 22.06
CA ILE A 122 -9.91 -7.40 21.79
C ILE A 122 -10.59 -6.79 23.01
N THR A 123 -11.30 -5.69 22.80
CA THR A 123 -12.02 -5.03 23.88
C THR A 123 -13.49 -5.00 23.46
N MET A 124 -14.38 -5.34 24.39
CA MET A 124 -15.80 -5.36 24.07
C MET A 124 -16.60 -4.34 24.85
N VAL A 125 -17.47 -3.64 24.14
CA VAL A 125 -18.33 -2.63 24.76
C VAL A 125 -19.79 -3.02 24.61
N PRO A 126 -20.36 -3.66 25.65
CA PRO A 126 -21.76 -4.07 25.58
C PRO A 126 -22.65 -2.95 26.13
N SER A 127 -23.81 -2.74 25.51
CA SER A 127 -24.75 -1.74 25.99
C SER A 127 -26.15 -2.32 25.91
N VAL A 128 -26.83 -2.35 27.05
CA VAL A 128 -28.18 -2.91 27.17
C VAL A 128 -29.27 -1.84 27.10
N ALA A 129 -30.07 -1.87 26.03
CA ALA A 129 -31.15 -0.91 25.87
C ALA A 129 -32.44 -1.47 26.47
N ALA A 130 -33.03 -0.74 27.42
CA ALA A 130 -34.26 -1.16 28.05
C ALA A 130 -35.46 -0.78 27.16
N LYS A 131 -35.92 -1.74 26.37
CA LYS A 131 -37.04 -1.52 25.47
C LYS A 131 -38.37 -1.39 26.21
N ASP A 132 -38.51 -2.12 27.32
CA ASP A 132 -39.75 -2.08 28.09
C ASP A 132 -39.62 -1.39 29.44
N GLY A 133 -38.43 -0.92 29.79
CA GLY A 133 -38.27 -0.24 31.06
C GLY A 133 -37.11 -0.72 31.92
N HIS A 134 -37.05 -2.02 32.19
CA HIS A 134 -35.97 -2.58 33.01
C HIS A 134 -34.98 -3.41 32.22
N ILE A 135 -33.82 -3.62 32.81
CA ILE A 135 -32.80 -4.44 32.17
C ILE A 135 -32.54 -5.67 33.03
N GLY A 136 -33.00 -5.64 34.27
CA GLY A 136 -32.80 -6.77 35.16
C GLY A 136 -31.32 -7.01 35.44
N HIS A 137 -30.91 -8.27 35.43
CA HIS A 137 -29.51 -8.62 35.66
C HIS A 137 -28.97 -9.28 34.39
N ILE A 138 -28.25 -8.51 33.59
CA ILE A 138 -27.71 -9.05 32.34
C ILE A 138 -26.30 -9.64 32.47
N VAL A 139 -26.18 -10.92 32.09
CA VAL A 139 -24.91 -11.61 32.10
C VAL A 139 -24.72 -12.14 30.68
N MET A 140 -23.59 -11.79 30.06
CA MET A 140 -23.30 -12.21 28.70
C MET A 140 -22.19 -13.25 28.62
N GLN A 141 -22.24 -14.07 27.57
CA GLN A 141 -21.19 -15.07 27.33
C GLN A 141 -20.72 -14.92 25.90
N TYR A 142 -19.41 -14.75 25.73
CA TYR A 142 -18.81 -14.61 24.40
C TYR A 142 -17.84 -15.77 24.26
N MET A 143 -18.13 -16.67 23.33
CA MET A 143 -17.29 -17.84 23.14
C MET A 143 -16.57 -17.85 21.80
N TYR A 144 -15.27 -18.08 21.83
CA TYR A 144 -14.48 -18.13 20.62
C TYR A 144 -14.49 -19.58 20.13
N VAL A 145 -15.10 -19.79 18.98
CA VAL A 145 -15.20 -21.11 18.39
C VAL A 145 -14.28 -21.23 17.19
N PRO A 146 -13.10 -21.84 17.37
CA PRO A 146 -12.12 -22.01 16.28
C PRO A 146 -12.75 -22.90 15.21
N PRO A 147 -12.31 -22.75 13.95
CA PRO A 147 -12.89 -23.60 12.90
C PRO A 147 -12.81 -25.09 13.23
N GLY A 148 -13.97 -25.75 13.16
CA GLY A 148 -14.03 -27.17 13.44
C GLY A 148 -14.83 -27.48 14.70
N ALA A 149 -14.76 -26.59 15.69
CA ALA A 149 -15.49 -26.78 16.94
C ALA A 149 -17.00 -26.66 16.69
N PRO A 150 -17.81 -27.41 17.47
CA PRO A 150 -19.27 -27.37 17.30
C PRO A 150 -19.87 -26.00 17.57
N ILE A 151 -20.70 -25.54 16.63
CA ILE A 151 -21.36 -24.24 16.75
C ILE A 151 -22.75 -24.42 17.36
N PRO A 152 -23.05 -23.69 18.44
CA PRO A 152 -24.36 -23.80 19.09
C PRO A 152 -25.54 -23.44 18.18
N THR A 153 -26.60 -24.22 18.27
CA THR A 153 -27.79 -23.97 17.45
C THR A 153 -29.01 -23.57 18.28
N THR A 154 -28.84 -23.51 19.60
CA THR A 154 -29.91 -23.11 20.51
C THR A 154 -29.22 -22.41 21.67
N ARG A 155 -29.99 -21.71 22.51
CA ARG A 155 -29.37 -21.02 23.63
C ARG A 155 -28.94 -21.95 24.75
N ASP A 156 -29.32 -23.22 24.67
CA ASP A 156 -28.93 -24.19 25.69
C ASP A 156 -28.11 -25.34 25.11
N ASP A 157 -27.56 -25.09 23.93
CA ASP A 157 -26.74 -26.07 23.23
C ASP A 157 -25.59 -26.50 24.15
N TYR A 158 -25.21 -27.77 24.12
CA TYR A 158 -24.14 -28.27 24.97
C TYR A 158 -22.81 -27.55 24.71
N ALA A 159 -22.64 -27.03 23.49
CA ALA A 159 -21.40 -26.34 23.16
C ALA A 159 -21.13 -25.14 24.07
N TRP A 160 -22.18 -24.57 24.67
CA TRP A 160 -21.99 -23.42 25.56
C TRP A 160 -21.26 -23.82 26.84
N GLN A 161 -21.11 -25.13 27.06
CA GLN A 161 -20.39 -25.62 28.24
C GLN A 161 -18.96 -25.09 28.20
N SER A 162 -18.46 -24.87 26.98
CA SER A 162 -17.12 -24.34 26.75
C SER A 162 -16.04 -25.13 27.49
N GLY A 163 -16.10 -26.44 27.39
CA GLY A 163 -15.12 -27.28 28.06
C GLY A 163 -13.69 -27.10 27.59
N THR A 164 -13.51 -26.56 26.38
CA THR A 164 -12.18 -26.33 25.85
C THR A 164 -12.04 -24.95 25.23
N ASN A 165 -13.08 -24.49 24.55
CA ASN A 165 -13.05 -23.16 23.94
C ASN A 165 -12.93 -22.10 25.01
N ALA A 166 -12.42 -20.94 24.63
CA ALA A 166 -12.30 -19.84 25.57
C ALA A 166 -13.61 -19.05 25.54
N SER A 167 -14.15 -18.76 26.72
CA SER A 167 -15.36 -17.98 26.83
C SER A 167 -15.11 -16.86 27.82
N VAL A 168 -15.73 -15.71 27.57
CA VAL A 168 -15.60 -14.58 28.47
C VAL A 168 -17.01 -14.26 28.97
N PHE A 169 -17.18 -14.24 30.28
CA PHE A 169 -18.47 -13.91 30.86
C PHE A 169 -18.41 -12.50 31.41
N TRP A 170 -19.38 -11.69 31.01
CA TRP A 170 -19.46 -10.31 31.44
C TRP A 170 -20.75 -10.09 32.21
N GLN A 171 -20.68 -9.29 33.25
CA GLN A 171 -21.82 -8.99 34.07
C GLN A 171 -22.08 -7.49 33.95
N HIS A 172 -23.33 -7.14 33.66
CA HIS A 172 -23.70 -5.74 33.53
C HIS A 172 -23.26 -4.99 34.78
N GLY A 173 -22.59 -3.85 34.58
CA GLY A 173 -22.13 -3.07 35.71
C GLY A 173 -20.64 -3.22 35.95
N GLN A 174 -20.05 -4.29 35.41
CA GLN A 174 -18.62 -4.54 35.56
C GLN A 174 -17.88 -3.90 34.40
N PRO A 175 -16.57 -3.64 34.55
CA PRO A 175 -15.84 -3.03 33.45
C PRO A 175 -15.86 -3.80 32.13
N PHE A 176 -15.57 -3.10 31.04
CA PHE A 176 -15.57 -3.69 29.71
C PHE A 176 -14.63 -4.89 29.59
N PRO A 177 -15.11 -6.00 29.02
CA PRO A 177 -14.23 -7.15 28.89
C PRO A 177 -13.09 -6.89 27.90
N ARG A 178 -11.96 -7.57 28.13
CA ARG A 178 -10.79 -7.44 27.27
C ARG A 178 -9.85 -8.62 27.43
N PHE A 179 -9.31 -9.09 26.32
CA PHE A 179 -8.37 -10.20 26.34
C PHE A 179 -7.44 -10.09 25.14
N SER A 180 -6.34 -10.83 25.18
CA SER A 180 -5.38 -10.81 24.09
C SER A 180 -5.41 -12.13 23.35
N LEU A 181 -5.09 -12.06 22.06
CA LEU A 181 -5.03 -13.23 21.20
C LEU A 181 -3.66 -13.20 20.55
N PRO A 182 -2.98 -14.35 20.49
CA PRO A 182 -1.65 -14.39 19.87
C PRO A 182 -1.83 -14.49 18.35
N PHE A 183 -0.80 -14.12 17.59
CA PHE A 183 -0.85 -14.22 16.14
C PHE A 183 -1.42 -15.62 15.84
N LEU A 184 -2.58 -15.64 15.18
CA LEU A 184 -3.33 -16.87 14.89
C LEU A 184 -3.11 -17.68 13.62
N SER A 185 -2.47 -17.10 12.62
CA SER A 185 -2.30 -17.80 11.35
C SER A 185 -1.48 -19.08 11.30
N ILE A 186 -1.77 -19.91 10.31
CA ILE A 186 -1.05 -21.16 10.11
C ILE A 186 0.18 -20.83 9.26
N ALA A 187 0.25 -19.57 8.82
CA ALA A 187 1.36 -19.05 8.01
C ALA A 187 2.18 -18.10 8.89
N SER A 188 3.23 -17.48 8.32
CA SER A 188 4.09 -16.56 9.07
C SER A 188 3.51 -15.17 9.25
N ALA A 189 2.55 -14.81 8.41
CA ALA A 189 1.93 -13.51 8.50
C ALA A 189 0.54 -13.60 7.92
N TYR A 190 -0.30 -12.62 8.26
CA TYR A 190 -1.65 -12.57 7.73
C TYR A 190 -1.58 -11.99 6.33
N TYR A 191 -2.43 -12.48 5.44
CA TYR A 191 -2.48 -11.97 4.07
C TYR A 191 -3.49 -10.82 4.04
N MET A 192 -3.06 -9.62 3.67
CA MET A 192 -4.01 -8.52 3.57
C MET A 192 -4.63 -8.67 2.18
N PHE A 193 -3.84 -9.27 1.28
CA PHE A 193 -4.25 -9.53 -0.10
C PHE A 193 -3.74 -10.90 -0.51
N TYR A 194 -4.49 -11.57 -1.39
CA TYR A 194 -4.11 -12.91 -1.83
C TYR A 194 -4.54 -13.14 -3.27
N ASP A 195 -3.59 -13.14 -4.20
CA ASP A 195 -3.89 -13.37 -5.60
C ASP A 195 -3.86 -14.87 -5.87
N GLY A 196 -4.78 -15.59 -5.23
CA GLY A 196 -4.82 -17.04 -5.40
C GLY A 196 -6.20 -17.63 -5.12
N TYR A 197 -6.34 -18.92 -5.39
CA TYR A 197 -7.61 -19.64 -5.21
C TYR A 197 -7.47 -20.87 -4.32
N ASP A 198 -8.61 -21.47 -4.01
CA ASP A 198 -8.62 -22.68 -3.19
C ASP A 198 -8.83 -23.89 -4.10
N GLY A 199 -8.48 -23.72 -5.37
CA GLY A 199 -8.62 -24.77 -6.36
C GLY A 199 -8.20 -24.25 -7.72
N ASP A 200 -8.41 -25.04 -8.78
CA ASP A 200 -8.04 -24.62 -10.13
C ASP A 200 -9.16 -24.74 -11.16
N THR A 201 -10.40 -24.51 -10.73
CA THR A 201 -11.54 -24.58 -11.65
C THR A 201 -12.31 -23.27 -11.67
N TYR A 202 -13.25 -23.16 -12.60
CA TYR A 202 -14.05 -21.95 -12.73
C TYR A 202 -14.85 -21.66 -11.47
N LYS A 203 -15.02 -22.66 -10.62
CA LYS A 203 -15.78 -22.45 -9.40
C LYS A 203 -14.96 -22.33 -8.11
N SER A 204 -13.65 -22.16 -8.24
CA SER A 204 -12.80 -22.01 -7.06
C SER A 204 -12.92 -20.59 -6.52
N ARG A 205 -12.83 -20.45 -5.20
CA ARG A 205 -12.92 -19.13 -4.57
C ARG A 205 -11.62 -18.37 -4.75
N TYR A 206 -11.72 -17.04 -4.80
CA TYR A 206 -10.57 -16.17 -5.02
C TYR A 206 -10.41 -15.19 -3.87
N GLY A 207 -9.16 -14.86 -3.53
CA GLY A 207 -8.92 -13.89 -2.47
C GLY A 207 -8.67 -14.39 -1.06
N THR A 208 -8.58 -13.44 -0.14
CA THR A 208 -8.31 -13.71 1.27
C THR A 208 -9.30 -14.61 2.00
N VAL A 209 -10.48 -14.83 1.42
CA VAL A 209 -11.45 -15.70 2.08
C VAL A 209 -10.84 -17.10 2.15
N VAL A 210 -9.94 -17.39 1.21
CA VAL A 210 -9.28 -18.68 1.12
C VAL A 210 -8.26 -18.92 2.23
N THR A 211 -7.60 -17.86 2.67
CA THR A 211 -6.55 -17.95 3.66
C THR A 211 -6.84 -17.39 5.05
N ASN A 212 -7.86 -16.55 5.17
CA ASN A 212 -8.16 -15.90 6.44
C ASN A 212 -9.32 -16.41 7.29
N ASP A 213 -9.40 -17.70 7.52
CA ASP A 213 -10.48 -18.22 8.36
C ASP A 213 -10.04 -18.07 9.82
N MET A 214 -10.80 -17.32 10.60
CA MET A 214 -10.48 -17.09 12.01
C MET A 214 -11.48 -17.73 12.97
N GLY A 215 -12.42 -18.49 12.43
CA GLY A 215 -13.41 -19.11 13.28
C GLY A 215 -14.63 -18.22 13.52
N THR A 216 -15.40 -18.56 14.55
CA THR A 216 -16.62 -17.83 14.85
C THR A 216 -16.72 -17.33 16.30
N LEU A 217 -17.41 -16.21 16.46
CA LEU A 217 -17.66 -15.65 17.80
C LEU A 217 -19.13 -15.90 18.08
N CYS A 218 -19.39 -16.76 19.07
CA CYS A 218 -20.76 -17.08 19.44
C CYS A 218 -21.15 -16.39 20.75
N SER A 219 -22.26 -15.65 20.73
CA SER A 219 -22.72 -14.91 21.90
C SER A 219 -24.11 -15.32 22.34
N ARG A 220 -24.40 -15.07 23.61
CA ARG A 220 -25.71 -15.35 24.16
C ARG A 220 -25.89 -14.60 25.46
N ILE A 221 -27.14 -14.29 25.78
CA ILE A 221 -27.46 -13.63 27.03
C ILE A 221 -27.56 -14.83 27.96
N VAL A 222 -26.70 -14.92 28.96
CA VAL A 222 -26.73 -16.05 29.87
C VAL A 222 -28.01 -16.05 30.69
N THR A 223 -28.42 -14.87 31.14
CA THR A 223 -29.63 -14.71 31.94
C THR A 223 -30.82 -15.34 31.22
N SER A 224 -31.67 -16.06 31.97
CA SER A 224 -32.84 -16.68 31.36
C SER A 224 -33.88 -15.60 31.05
N GLU A 225 -34.92 -15.96 30.30
CA GLU A 225 -35.95 -15.00 29.90
C GLU A 225 -36.52 -14.13 31.01
N GLN A 226 -36.55 -12.82 30.74
CA GLN A 226 -37.07 -11.85 31.70
C GLN A 226 -38.34 -11.21 31.14
N LEU A 227 -39.17 -10.66 32.03
CA LEU A 227 -40.40 -10.03 31.61
C LEU A 227 -40.17 -8.92 30.59
N HIS A 228 -39.25 -8.01 30.91
CA HIS A 228 -38.96 -6.89 30.01
C HIS A 228 -37.91 -7.21 28.95
N LYS A 229 -38.26 -6.93 27.70
CA LYS A 229 -37.40 -7.18 26.57
C LYS A 229 -36.28 -6.15 26.45
N VAL A 230 -35.10 -6.61 26.06
CA VAL A 230 -33.95 -5.73 25.91
C VAL A 230 -33.29 -5.92 24.56
N LYS A 231 -32.45 -4.97 24.20
CA LYS A 231 -31.68 -5.04 22.97
C LYS A 231 -30.23 -4.83 23.39
N VAL A 232 -29.45 -5.90 23.34
CA VAL A 232 -28.05 -5.82 23.73
C VAL A 232 -27.16 -5.71 22.51
N VAL A 233 -26.41 -4.61 22.42
CA VAL A 233 -25.50 -4.43 21.30
C VAL A 233 -24.08 -4.46 21.84
N THR A 234 -23.29 -5.44 21.38
CA THR A 234 -21.91 -5.55 21.82
C THR A 234 -20.99 -5.14 20.68
N ARG A 235 -20.26 -4.05 20.89
CA ARG A 235 -19.33 -3.58 19.87
C ARG A 235 -17.95 -4.14 20.17
N ILE A 236 -17.33 -4.73 19.15
CA ILE A 236 -16.01 -5.34 19.27
C ILE A 236 -14.91 -4.43 18.74
N TYR A 237 -13.89 -4.20 19.56
CA TYR A 237 -12.78 -3.36 19.15
C TYR A 237 -11.48 -4.16 19.07
N HIS A 238 -10.69 -3.86 18.06
CA HIS A 238 -9.44 -4.56 17.82
C HIS A 238 -8.25 -3.61 17.76
N LYS A 239 -7.14 -4.05 18.34
CA LYS A 239 -5.90 -3.27 18.34
C LYS A 239 -4.75 -4.23 18.11
N ALA A 240 -3.87 -3.90 17.17
CA ALA A 240 -2.72 -4.76 16.89
C ALA A 240 -1.58 -4.44 17.86
N LYS A 241 -0.90 -5.46 18.34
CA LYS A 241 0.23 -5.28 19.26
C LYS A 241 1.42 -6.10 18.78
N HIS A 242 2.64 -5.57 18.95
CA HIS A 242 3.86 -6.27 18.56
C HIS A 242 3.74 -6.55 17.06
N THR A 243 3.55 -5.47 16.32
CA THR A 243 3.32 -5.52 14.89
C THR A 243 4.49 -5.41 13.91
N LYS A 244 4.35 -6.12 12.79
CA LYS A 244 5.31 -6.10 11.69
C LYS A 244 4.48 -6.10 10.41
N ALA A 245 4.92 -5.34 9.41
CA ALA A 245 4.22 -5.25 8.14
C ALA A 245 5.20 -5.28 6.98
N TRP A 246 4.74 -5.80 5.84
CA TRP A 246 5.59 -5.92 4.66
C TRP A 246 4.92 -5.45 3.37
N CYS A 247 5.73 -4.94 2.45
CA CYS A 247 5.28 -4.51 1.13
C CYS A 247 4.12 -3.53 1.13
N PRO A 248 4.40 -2.25 1.37
CA PRO A 248 3.35 -1.22 1.40
C PRO A 248 2.68 -1.10 0.03
N ARG A 249 1.43 -0.65 0.02
CA ARG A 249 0.71 -0.52 -1.22
C ARG A 249 -0.20 0.70 -1.28
N PRO A 250 -0.77 1.00 -2.46
CA PRO A 250 -1.66 2.16 -2.62
C PRO A 250 -2.86 2.05 -1.69
N PRO A 251 -3.27 3.16 -1.08
CA PRO A 251 -4.42 3.16 -0.17
C PRO A 251 -5.73 2.91 -0.95
N ARG A 252 -6.72 2.33 -0.28
CA ARG A 252 -8.02 2.09 -0.92
C ARG A 252 -8.53 3.46 -1.39
N ALA A 253 -8.82 3.59 -2.68
CA ALA A 253 -9.29 4.86 -3.24
C ALA A 253 -10.80 4.99 -3.43
N VAL A 254 -11.51 3.88 -3.33
CA VAL A 254 -12.96 3.88 -3.48
C VAL A 254 -13.58 3.12 -2.31
N GLN A 255 -14.89 3.28 -2.10
CA GLN A 255 -15.54 2.59 -1.00
C GLN A 255 -15.44 1.08 -1.16
N TYR A 256 -15.44 0.39 -0.03
CA TYR A 256 -15.40 -1.06 -0.02
C TYR A 256 -16.83 -1.49 -0.29
N SER A 257 -17.03 -2.67 -0.86
CA SER A 257 -18.38 -3.13 -1.09
C SER A 257 -18.61 -4.46 -0.38
N HIS A 258 -17.60 -5.31 -0.36
CA HIS A 258 -17.74 -6.62 0.30
C HIS A 258 -16.47 -7.06 1.03
N THR A 259 -16.62 -8.06 1.89
CA THR A 259 -15.51 -8.59 2.66
C THR A 259 -14.62 -9.53 1.86
N HIS A 260 -13.33 -9.53 2.18
CA HIS A 260 -12.35 -10.39 1.52
C HIS A 260 -12.22 -10.19 0.01
N THR A 261 -12.66 -9.05 -0.50
CA THR A 261 -12.55 -8.80 -1.93
C THR A 261 -12.29 -7.33 -2.21
N THR A 262 -11.57 -7.07 -3.29
CA THR A 262 -11.24 -5.70 -3.68
C THR A 262 -12.28 -5.11 -4.63
N ASN A 263 -13.35 -5.88 -4.87
CA ASN A 263 -14.44 -5.43 -5.76
C ASN A 263 -14.92 -4.03 -5.39
N TYR A 264 -15.41 -3.30 -6.39
CA TYR A 264 -15.91 -1.96 -6.15
C TYR A 264 -16.99 -1.60 -7.16
N LYS A 265 -17.74 -0.54 -6.87
CA LYS A 265 -18.77 -0.08 -7.78
C LYS A 265 -18.37 1.27 -8.35
N LEU A 266 -18.79 1.52 -9.58
CA LEU A 266 -18.51 2.78 -10.26
C LEU A 266 -19.80 3.38 -10.77
N SER A 267 -19.98 4.68 -10.57
CA SER A 267 -21.18 5.35 -11.05
C SER A 267 -20.90 5.90 -12.44
N SER A 268 -21.87 6.62 -13.00
CA SER A 268 -21.71 7.19 -14.34
C SER A 268 -20.72 8.35 -14.32
N GLU A 269 -20.60 9.01 -13.17
CA GLU A 269 -19.65 10.12 -13.00
C GLU A 269 -18.62 9.68 -11.98
N VAL A 270 -17.56 9.03 -12.48
CA VAL A 270 -16.52 8.49 -11.62
C VAL A 270 -15.84 9.43 -10.63
N HIS A 271 -15.83 10.73 -10.89
CA HIS A 271 -15.17 11.62 -9.95
C HIS A 271 -15.89 11.66 -8.60
N ASN A 272 -17.10 11.11 -8.55
CA ASN A 272 -17.87 11.05 -7.31
C ASN A 272 -17.48 9.82 -6.51
N ASP A 273 -16.83 8.86 -7.15
CA ASP A 273 -16.45 7.64 -6.49
C ASP A 273 -15.06 7.69 -5.83
N VAL A 274 -14.29 8.74 -6.14
CA VAL A 274 -12.97 8.91 -5.56
C VAL A 274 -12.88 10.24 -4.81
N ALA A 275 -11.88 10.36 -3.94
CA ALA A 275 -11.68 11.56 -3.14
C ALA A 275 -11.12 12.73 -3.94
N ILE A 276 -10.71 12.47 -5.18
CA ILE A 276 -10.16 13.52 -6.03
C ILE A 276 -11.24 14.57 -6.32
N ARG A 277 -10.89 15.84 -6.15
CA ARG A 277 -11.82 16.94 -6.42
C ARG A 277 -11.46 17.57 -7.76
N PRO A 278 -12.43 17.62 -8.70
CA PRO A 278 -12.18 18.20 -10.02
C PRO A 278 -11.59 19.60 -9.98
N ARG A 279 -10.55 19.83 -10.78
CA ARG A 279 -9.91 21.14 -10.84
C ARG A 279 -10.56 21.92 -11.98
N THR A 280 -10.67 23.24 -11.82
CA THR A 280 -11.26 24.06 -12.87
C THR A 280 -10.36 23.94 -14.10
N ASN A 281 -9.06 24.05 -13.88
CA ASN A 281 -8.05 23.93 -14.94
C ASN A 281 -6.69 23.76 -14.28
N LEU A 282 -5.65 23.60 -15.09
CA LEU A 282 -4.29 23.39 -14.58
C LEU A 282 -3.69 24.51 -13.72
N THR A 283 -4.19 25.72 -13.89
CA THR A 283 -3.62 26.86 -13.16
C THR A 283 -4.49 27.46 -12.06
N THR A 284 -5.59 26.80 -11.72
CA THR A 284 -6.47 27.30 -10.67
C THR A 284 -6.18 26.56 -9.37
N VAL A 285 -5.54 27.24 -8.44
CA VAL A 285 -5.20 26.61 -7.17
C VAL A 285 -6.45 26.40 -6.32
N SER B 10 30.11 1.88 -19.81
CA SER B 10 28.96 2.78 -19.88
C SER B 10 27.81 2.27 -19.00
N ASP B 11 27.15 3.22 -18.34
CA ASP B 11 26.02 2.91 -17.46
C ASP B 11 24.70 2.83 -18.23
N ARG B 12 24.78 3.01 -19.55
CA ARG B 12 23.61 2.96 -20.42
C ARG B 12 23.43 1.54 -20.94
N ILE B 13 24.48 0.73 -20.81
CA ILE B 13 24.50 -0.63 -21.28
C ILE B 13 24.24 -1.69 -20.20
N ILE B 14 23.71 -2.83 -20.62
CA ILE B 14 23.49 -3.94 -19.70
C ILE B 14 23.51 -5.28 -20.43
N GLN B 15 24.05 -6.28 -19.76
CA GLN B 15 24.08 -7.63 -20.29
C GLN B 15 23.65 -8.53 -19.14
N ILE B 16 22.62 -9.33 -19.38
CA ILE B 16 22.10 -10.22 -18.36
C ILE B 16 22.22 -11.65 -18.89
N THR B 17 22.99 -12.47 -18.19
CA THR B 17 23.16 -13.86 -18.59
C THR B 17 22.49 -14.78 -17.57
N ARG B 18 21.61 -15.64 -18.07
CA ARG B 18 20.86 -16.59 -17.26
C ARG B 18 20.84 -17.92 -18.01
N GLY B 19 21.46 -18.94 -17.43
CA GLY B 19 21.49 -20.24 -18.09
C GLY B 19 22.13 -20.16 -19.46
N ASP B 20 21.39 -20.55 -20.50
CA ASP B 20 21.93 -20.50 -21.86
C ASP B 20 21.46 -19.25 -22.61
N SER B 21 20.98 -18.25 -21.86
CA SER B 21 20.49 -17.03 -22.48
C SER B 21 21.22 -15.78 -22.01
N THR B 22 21.41 -14.85 -22.95
CA THR B 22 22.06 -13.58 -22.67
C THR B 22 21.25 -12.49 -23.35
N ILE B 23 20.85 -11.50 -22.57
CA ILE B 23 20.07 -10.39 -23.10
C ILE B 23 20.84 -9.08 -22.97
N THR B 24 20.73 -8.24 -23.99
CA THR B 24 21.43 -6.96 -23.96
C THR B 24 20.52 -5.78 -24.25
N SER B 25 20.98 -4.60 -23.85
CA SER B 25 20.27 -3.35 -24.09
C SER B 25 21.34 -2.27 -24.01
N GLN B 26 21.33 -1.36 -24.98
CA GLN B 26 22.32 -0.29 -25.01
C GLN B 26 21.75 1.04 -24.52
N ASP B 27 20.54 0.99 -23.97
CA ASP B 27 19.88 2.18 -23.44
C ASP B 27 18.96 1.79 -22.29
N VAL B 28 19.56 1.55 -21.13
CA VAL B 28 18.80 1.16 -19.95
C VAL B 28 18.74 2.33 -18.97
N ALA B 29 17.93 2.16 -17.94
CA ALA B 29 17.79 3.15 -16.89
C ALA B 29 18.13 2.42 -15.59
N ASN B 30 19.35 1.89 -15.55
CA ASN B 30 19.81 1.14 -14.40
C ASN B 30 18.92 -0.10 -14.28
N ALA B 31 18.81 -0.65 -13.08
CA ALA B 31 17.97 -1.83 -12.87
C ALA B 31 17.41 -1.76 -11.46
N VAL B 32 16.30 -2.44 -11.23
CA VAL B 32 15.69 -2.44 -9.91
C VAL B 32 15.73 -3.83 -9.28
N VAL B 33 16.08 -3.88 -8.00
CA VAL B 33 16.09 -5.13 -7.26
C VAL B 33 14.98 -4.98 -6.24
N GLY B 34 13.87 -5.65 -6.50
CA GLY B 34 12.71 -5.57 -5.63
C GLY B 34 13.00 -5.62 -4.15
N TYR B 35 12.61 -4.56 -3.45
CA TYR B 35 12.79 -4.47 -2.01
C TYR B 35 14.24 -4.68 -1.57
N GLY B 36 15.17 -4.48 -2.51
CA GLY B 36 16.58 -4.63 -2.21
C GLY B 36 17.02 -6.04 -1.84
N VAL B 37 16.22 -7.04 -2.15
CA VAL B 37 16.60 -8.41 -1.81
C VAL B 37 16.79 -9.25 -3.07
N TRP B 38 18.00 -9.78 -3.22
CA TRP B 38 18.32 -10.61 -4.36
C TRP B 38 17.75 -12.01 -4.11
N PRO B 39 17.19 -12.65 -5.16
CA PRO B 39 16.64 -13.99 -4.94
C PRO B 39 17.66 -15.01 -4.43
N HIS B 40 17.19 -15.92 -3.58
CA HIS B 40 18.03 -16.93 -2.97
C HIS B 40 17.21 -18.17 -2.63
N TYR B 41 17.86 -19.32 -2.52
CA TYR B 41 17.18 -20.56 -2.18
C TYR B 41 16.64 -20.54 -0.74
N LEU B 42 15.63 -21.37 -0.49
CA LEU B 42 15.02 -21.46 0.82
C LEU B 42 15.99 -22.08 1.82
N THR B 43 16.12 -21.45 2.98
CA THR B 43 17.02 -21.96 4.03
C THR B 43 16.31 -22.93 4.94
N PRO B 44 17.06 -23.78 5.65
CA PRO B 44 16.41 -24.73 6.55
C PRO B 44 15.72 -24.10 7.76
N GLN B 45 16.04 -22.84 8.06
CA GLN B 45 15.41 -22.16 9.19
C GLN B 45 14.01 -21.71 8.83
N ASP B 46 13.80 -21.38 7.56
CA ASP B 46 12.49 -20.92 7.11
C ASP B 46 11.67 -21.99 6.41
N ALA B 47 12.28 -23.11 6.07
CA ALA B 47 11.58 -24.18 5.39
C ALA B 47 10.55 -24.89 6.27
N THR B 48 9.56 -25.51 5.63
CA THR B 48 8.55 -26.26 6.36
C THR B 48 8.38 -27.65 5.72
N ALA B 49 8.24 -27.70 4.39
CA ALA B 49 8.10 -28.98 3.68
C ALA B 49 9.41 -29.74 3.91
N ILE B 50 9.31 -31.02 4.28
CA ILE B 50 10.52 -31.79 4.60
C ILE B 50 11.19 -32.62 3.53
N ASP B 51 10.61 -32.75 2.34
CA ASP B 51 11.27 -33.55 1.31
C ASP B 51 12.35 -32.69 0.67
N LYS B 52 13.34 -33.34 0.07
CA LYS B 52 14.43 -32.64 -0.58
C LYS B 52 13.92 -31.97 -1.86
N PRO B 53 14.14 -30.65 -2.01
CA PRO B 53 13.70 -29.91 -3.19
C PRO B 53 14.51 -30.25 -4.43
N THR B 54 13.91 -30.07 -5.59
CA THR B 54 14.61 -30.31 -6.85
C THR B 54 14.96 -28.90 -7.36
N GLN B 55 16.17 -28.73 -7.87
CA GLN B 55 16.63 -27.44 -8.36
C GLN B 55 17.18 -27.59 -9.78
N PRO B 56 16.33 -27.42 -10.79
CA PRO B 56 16.68 -27.55 -12.20
C PRO B 56 17.86 -26.68 -12.64
N ASP B 57 18.15 -25.64 -11.85
CA ASP B 57 19.25 -24.74 -12.15
C ASP B 57 19.17 -24.12 -13.54
N THR B 58 20.19 -24.26 -14.37
CA THR B 58 20.19 -23.63 -15.69
C THR B 58 19.10 -24.04 -16.68
N SER B 59 18.50 -25.20 -16.49
CA SER B 59 17.44 -25.62 -17.42
C SER B 59 16.10 -24.96 -17.12
N SER B 60 16.01 -24.26 -15.99
CA SER B 60 14.79 -23.57 -15.61
C SER B 60 15.06 -22.09 -15.38
N ASN B 61 16.24 -21.77 -14.89
CA ASN B 61 16.61 -20.38 -14.61
C ASN B 61 17.23 -19.74 -15.84
N ARG B 62 16.39 -19.56 -16.86
CA ARG B 62 16.82 -18.98 -18.14
C ARG B 62 15.72 -18.03 -18.62
N PHE B 63 16.03 -17.18 -19.58
CA PHE B 63 15.04 -16.24 -20.10
C PHE B 63 14.02 -16.89 -21.03
N TYR B 64 12.75 -16.65 -20.75
CA TYR B 64 11.67 -17.16 -21.57
C TYR B 64 10.96 -15.93 -22.14
N THR B 65 10.92 -15.81 -23.46
CA THR B 65 10.28 -14.66 -24.09
C THR B 65 8.82 -14.95 -24.43
N LEU B 66 7.93 -14.09 -23.93
CA LEU B 66 6.49 -14.21 -24.16
C LEU B 66 6.07 -13.69 -25.52
N ASP B 67 4.78 -13.81 -25.84
CA ASP B 67 4.27 -13.30 -27.11
C ASP B 67 4.37 -11.78 -27.03
N SER B 68 4.81 -11.15 -28.11
CA SER B 68 4.94 -9.71 -28.13
C SER B 68 3.57 -9.04 -28.26
N LYS B 69 3.48 -7.78 -27.84
CA LYS B 69 2.24 -7.02 -27.92
C LYS B 69 2.52 -5.78 -28.76
N MET B 70 1.48 -5.21 -29.35
CA MET B 70 1.64 -4.01 -30.16
C MET B 70 1.14 -2.80 -29.38
N TRP B 71 1.98 -1.79 -29.32
CA TRP B 71 1.64 -0.55 -28.62
C TRP B 71 1.20 0.48 -29.65
N ASN B 72 -0.02 1.01 -29.48
CA ASN B 72 -0.50 2.04 -30.39
C ASN B 72 -1.10 3.18 -29.58
N SER B 73 -1.42 4.27 -30.25
CA SER B 73 -1.96 5.47 -29.60
C SER B 73 -3.17 5.28 -28.69
N THR B 74 -3.87 4.16 -28.80
CA THR B 74 -5.03 3.93 -27.96
C THR B 74 -4.86 2.86 -26.87
N SER B 75 -3.69 2.24 -26.82
CA SER B 75 -3.44 1.19 -25.84
C SER B 75 -3.69 1.65 -24.40
N LYS B 76 -4.39 0.80 -23.64
CA LYS B 76 -4.70 1.12 -22.24
C LYS B 76 -3.79 0.36 -21.27
N GLY B 77 -3.08 -0.65 -21.78
CA GLY B 77 -2.18 -1.41 -20.92
C GLY B 77 -2.23 -2.92 -21.09
N TRP B 78 -1.38 -3.59 -20.32
CA TRP B 78 -1.28 -5.04 -20.36
C TRP B 78 -0.82 -5.54 -18.99
N TRP B 79 -1.16 -6.78 -18.67
CA TRP B 79 -0.69 -7.39 -17.44
C TRP B 79 -0.57 -8.90 -17.59
N TRP B 80 0.37 -9.47 -16.84
CA TRP B 80 0.62 -10.91 -16.84
C TRP B 80 0.76 -11.27 -15.37
N LYS B 81 0.59 -12.54 -15.06
CA LYS B 81 0.73 -12.99 -13.68
C LYS B 81 1.76 -14.11 -13.64
N LEU B 82 2.56 -14.12 -12.58
CA LEU B 82 3.59 -15.14 -12.41
C LEU B 82 3.25 -16.00 -11.20
N PRO B 83 3.55 -17.31 -11.29
CA PRO B 83 4.18 -17.99 -12.41
C PRO B 83 3.31 -18.36 -13.63
N ASP B 84 2.03 -18.04 -13.58
CA ASP B 84 1.11 -18.38 -14.67
C ASP B 84 1.67 -18.15 -16.09
N ALA B 85 2.25 -16.98 -16.32
CA ALA B 85 2.78 -16.65 -17.64
C ALA B 85 3.82 -17.64 -18.16
N LEU B 86 4.49 -18.36 -17.27
CA LEU B 86 5.51 -19.32 -17.67
C LEU B 86 5.06 -20.77 -17.58
N LYS B 87 3.76 -20.98 -17.36
CA LYS B 87 3.24 -22.35 -17.21
C LYS B 87 3.55 -23.28 -18.37
N ASP B 88 3.78 -22.72 -19.55
CA ASP B 88 4.06 -23.56 -20.71
C ASP B 88 5.45 -23.32 -21.26
N MET B 89 6.36 -22.86 -20.39
CA MET B 89 7.72 -22.57 -20.77
C MET B 89 8.75 -23.63 -20.35
N GLY B 90 9.14 -24.47 -21.30
CA GLY B 90 10.13 -25.49 -21.03
C GLY B 90 10.09 -26.23 -19.71
N ILE B 91 11.27 -26.51 -19.18
CA ILE B 91 11.43 -27.24 -17.92
C ILE B 91 10.78 -26.54 -16.73
N PHE B 92 10.79 -25.22 -16.72
CA PHE B 92 10.19 -24.50 -15.61
C PHE B 92 8.70 -24.85 -15.56
N GLY B 93 8.05 -24.78 -16.72
CA GLY B 93 6.63 -25.09 -16.78
C GLY B 93 6.32 -26.51 -16.34
N GLU B 94 7.10 -27.48 -16.83
CA GLU B 94 6.87 -28.87 -16.46
C GLU B 94 6.91 -29.02 -14.95
N ASN B 95 7.97 -28.51 -14.34
CA ASN B 95 8.14 -28.61 -12.91
C ASN B 95 7.01 -28.03 -12.08
N MET B 96 6.41 -26.93 -12.52
CA MET B 96 5.34 -26.37 -11.71
C MET B 96 4.05 -27.18 -11.71
N PHE B 97 3.94 -28.14 -12.62
CA PHE B 97 2.73 -28.97 -12.66
C PHE B 97 2.96 -30.37 -12.09
N TYR B 98 4.21 -30.82 -12.08
CA TYR B 98 4.53 -32.15 -11.54
C TYR B 98 4.71 -32.10 -10.02
N HIS B 99 4.87 -30.89 -9.49
CA HIS B 99 5.06 -30.72 -8.05
C HIS B 99 3.95 -29.91 -7.41
N PHE B 100 3.66 -30.23 -6.16
CA PHE B 100 2.64 -29.49 -5.43
C PHE B 100 3.19 -28.09 -5.12
N LEU B 101 4.45 -28.04 -4.66
CA LEU B 101 5.07 -26.78 -4.28
C LEU B 101 6.19 -26.28 -5.19
N GLY B 102 6.30 -24.95 -5.26
CA GLY B 102 7.32 -24.32 -6.06
C GLY B 102 7.73 -23.01 -5.40
N ARG B 103 8.92 -22.54 -5.74
CA ARG B 103 9.44 -21.30 -5.18
C ARG B 103 10.42 -20.73 -6.20
N SER B 104 10.35 -19.42 -6.44
CA SER B 104 11.22 -18.82 -7.43
C SER B 104 11.26 -17.30 -7.39
N GLY B 105 12.37 -16.75 -7.88
CA GLY B 105 12.52 -15.31 -7.98
C GLY B 105 12.50 -15.06 -9.48
N TYR B 106 12.61 -13.81 -9.93
CA TYR B 106 12.59 -13.54 -11.36
C TYR B 106 13.41 -12.34 -11.79
N THR B 107 13.80 -12.33 -13.05
CA THR B 107 14.48 -11.20 -13.66
C THR B 107 13.50 -10.88 -14.80
N VAL B 108 12.87 -9.72 -14.73
CA VAL B 108 11.92 -9.33 -15.76
C VAL B 108 12.57 -8.26 -16.62
N HIS B 109 12.65 -8.52 -17.92
CA HIS B 109 13.25 -7.57 -18.84
C HIS B 109 12.23 -7.20 -19.92
N VAL B 110 11.72 -5.96 -19.83
CA VAL B 110 10.73 -5.49 -20.79
C VAL B 110 11.44 -4.71 -21.89
N GLN B 111 11.13 -5.05 -23.14
CA GLN B 111 11.79 -4.43 -24.28
C GLN B 111 10.86 -3.62 -25.18
N CYS B 112 11.31 -2.42 -25.54
CA CYS B 112 10.54 -1.56 -26.43
C CYS B 112 11.39 -0.44 -27.00
N ASN B 113 11.77 -0.58 -28.27
CA ASN B 113 12.56 0.45 -28.93
C ASN B 113 11.65 1.12 -29.95
N ALA B 114 11.97 2.37 -30.27
CA ALA B 114 11.19 3.13 -31.24
C ALA B 114 12.20 3.88 -32.08
N SER B 115 12.16 5.20 -32.01
CA SER B 115 13.09 6.03 -32.74
C SER B 115 13.26 7.27 -31.90
N LYS B 116 14.27 8.05 -32.22
CA LYS B 116 14.47 9.24 -31.45
C LYS B 116 13.45 10.32 -31.73
N PHE B 117 12.69 10.14 -32.80
CA PHE B 117 11.64 11.09 -33.14
C PHE B 117 10.28 10.59 -32.64
N HIS B 118 10.31 9.59 -31.76
CA HIS B 118 9.09 9.04 -31.15
C HIS B 118 9.05 9.51 -29.69
N GLN B 119 7.87 9.43 -29.09
CA GLN B 119 7.71 9.78 -27.69
C GLN B 119 6.63 8.88 -27.11
N GLY B 120 6.76 8.56 -25.84
CA GLY B 120 5.79 7.70 -25.17
C GLY B 120 6.39 7.21 -23.87
N THR B 121 5.55 6.86 -22.91
CA THR B 121 6.05 6.40 -21.63
C THR B 121 5.25 5.25 -21.06
N LEU B 122 5.96 4.18 -20.69
CA LEU B 122 5.34 3.00 -20.12
C LEU B 122 5.75 2.86 -18.65
N LEU B 123 4.76 2.61 -17.79
CA LEU B 123 5.03 2.41 -16.38
C LEU B 123 5.06 0.89 -16.20
N VAL B 124 6.22 0.34 -15.86
CA VAL B 124 6.40 -1.10 -15.69
C VAL B 124 6.46 -1.40 -14.20
N VAL B 125 5.49 -2.18 -13.71
CA VAL B 125 5.41 -2.49 -12.29
C VAL B 125 5.28 -3.97 -11.94
N MET B 126 5.90 -4.37 -10.84
CA MET B 126 5.81 -5.74 -10.34
C MET B 126 5.05 -5.64 -9.02
N ILE B 127 3.83 -6.16 -9.00
CA ILE B 127 2.98 -6.11 -7.83
C ILE B 127 2.82 -7.44 -7.11
N PRO B 128 3.10 -7.46 -5.81
CA PRO B 128 2.96 -8.71 -5.05
C PRO B 128 1.49 -8.84 -4.64
N GLU B 129 0.93 -10.03 -4.73
CA GLU B 129 -0.46 -10.27 -4.37
C GLU B 129 -1.40 -9.25 -5.03
N HIS B 130 -1.39 -9.18 -6.36
CA HIS B 130 -2.28 -8.25 -7.05
C HIS B 130 -3.66 -8.91 -7.13
N GLN B 131 -4.44 -8.76 -6.08
CA GLN B 131 -5.77 -9.35 -6.01
C GLN B 131 -6.76 -8.48 -6.78
N LEU B 132 -7.11 -8.93 -7.98
CA LEU B 132 -8.01 -8.18 -8.86
C LEU B 132 -9.45 -8.05 -8.37
N ALA B 133 -10.09 -6.98 -8.79
CA ALA B 133 -11.48 -6.70 -8.42
C ALA B 133 -12.41 -6.88 -9.61
N THR B 134 -13.71 -6.94 -9.34
CA THR B 134 -14.72 -7.00 -10.39
C THR B 134 -15.47 -5.70 -10.14
N VAL B 135 -16.14 -5.17 -11.16
CA VAL B 135 -16.86 -3.91 -11.00
C VAL B 135 -18.36 -4.08 -11.12
N ASN B 136 -19.08 -3.52 -10.15
CA ASN B 136 -20.55 -3.57 -10.13
C ASN B 136 -21.10 -4.98 -10.27
N LYS B 137 -20.50 -5.95 -9.59
CA LYS B 137 -20.97 -7.32 -9.68
C LYS B 137 -21.13 -7.98 -8.31
N GLY B 138 -21.39 -7.15 -7.30
CA GLY B 138 -21.57 -7.69 -5.95
C GLY B 138 -20.32 -8.39 -5.45
N ASN B 139 -20.53 -9.49 -4.74
CA ASN B 139 -19.42 -10.24 -4.18
C ASN B 139 -18.85 -11.30 -5.12
N VAL B 140 -19.18 -11.22 -6.40
CA VAL B 140 -18.67 -12.17 -7.37
C VAL B 140 -17.23 -11.77 -7.71
N ASN B 141 -16.30 -12.70 -7.54
CA ASN B 141 -14.89 -12.40 -7.81
C ASN B 141 -14.38 -12.89 -9.15
N ALA B 142 -13.20 -12.39 -9.52
CA ALA B 142 -12.55 -12.75 -10.77
C ALA B 142 -12.34 -14.26 -10.86
N GLY B 143 -12.80 -14.85 -11.96
CA GLY B 143 -12.67 -16.29 -12.15
C GLY B 143 -11.27 -16.77 -12.50
N TYR B 144 -10.95 -17.97 -12.02
CA TYR B 144 -9.64 -18.59 -12.25
C TYR B 144 -9.11 -18.42 -13.66
N LYS B 145 -9.92 -18.79 -14.63
CA LYS B 145 -9.54 -18.69 -16.04
C LYS B 145 -9.07 -17.29 -16.45
N TYR B 146 -9.72 -16.27 -15.91
CA TYR B 146 -9.38 -14.89 -16.25
C TYR B 146 -8.06 -14.41 -15.66
N THR B 147 -7.66 -14.97 -14.53
CA THR B 147 -6.41 -14.56 -13.91
C THR B 147 -5.28 -15.54 -14.26
N HIS B 148 -5.55 -16.42 -15.20
CA HIS B 148 -4.55 -17.39 -15.65
C HIS B 148 -4.51 -17.45 -17.17
N PRO B 149 -4.34 -16.29 -17.83
CA PRO B 149 -4.29 -16.17 -19.29
C PRO B 149 -3.03 -16.73 -19.95
N GLY B 150 -2.02 -17.05 -19.15
CA GLY B 150 -0.79 -17.58 -19.70
C GLY B 150 0.11 -16.50 -20.30
N GLU B 151 1.00 -16.92 -21.20
CA GLU B 151 1.94 -16.00 -21.84
C GLU B 151 1.26 -14.90 -22.66
N ALA B 152 -0.01 -15.09 -22.99
CA ALA B 152 -0.75 -14.10 -23.77
C ALA B 152 -1.11 -12.91 -22.89
N GLY B 153 -1.20 -13.14 -21.59
CA GLY B 153 -1.55 -12.07 -20.67
C GLY B 153 -2.91 -11.48 -20.99
N ARG B 154 -3.12 -10.24 -20.54
CA ARG B 154 -4.37 -9.55 -20.78
C ARG B 154 -4.16 -8.19 -21.42
N GLU B 155 -4.90 -7.92 -22.48
CA GLU B 155 -4.84 -6.62 -23.16
C GLU B 155 -5.97 -5.79 -22.59
N VAL B 156 -5.63 -4.78 -21.81
CA VAL B 156 -6.65 -3.94 -21.23
C VAL B 156 -7.46 -3.21 -22.30
N GLY B 157 -8.78 -3.24 -22.14
CA GLY B 157 -9.68 -2.55 -23.07
C GLY B 157 -10.14 -3.34 -24.28
N THR B 158 -10.02 -4.67 -24.25
CA THR B 158 -10.45 -5.47 -25.40
C THR B 158 -11.47 -6.54 -25.02
N GLN B 159 -11.08 -7.41 -24.10
CA GLN B 159 -11.91 -8.51 -23.62
C GLN B 159 -13.42 -8.20 -23.55
N VAL B 160 -14.23 -9.02 -24.19
CA VAL B 160 -15.68 -8.83 -24.19
C VAL B 160 -16.24 -9.35 -22.86
N GLU B 161 -16.74 -8.41 -22.08
CA GLU B 161 -17.31 -8.69 -20.76
C GLU B 161 -18.00 -10.03 -20.52
N ASN B 162 -17.96 -10.43 -19.25
CA ASN B 162 -18.53 -11.68 -18.76
C ASN B 162 -18.68 -11.46 -17.25
N GLU B 163 -19.52 -12.24 -16.58
CA GLU B 163 -19.72 -12.02 -15.15
C GLU B 163 -18.47 -12.15 -14.27
N LYS B 164 -17.68 -13.19 -14.48
CA LYS B 164 -16.49 -13.39 -13.66
C LYS B 164 -15.27 -12.62 -14.19
N GLN B 165 -15.50 -11.75 -15.17
CA GLN B 165 -14.42 -10.96 -15.76
C GLN B 165 -13.94 -9.89 -14.79
N PRO B 166 -12.61 -9.78 -14.60
CA PRO B 166 -12.06 -8.78 -13.69
C PRO B 166 -12.11 -7.34 -14.21
N SER B 167 -11.89 -6.39 -13.30
CA SER B 167 -11.88 -4.98 -13.64
C SER B 167 -10.88 -4.70 -14.76
N ASP B 168 -11.18 -3.70 -15.57
CA ASP B 168 -10.30 -3.35 -16.67
C ASP B 168 -9.96 -1.85 -16.59
N ASP B 169 -10.13 -1.27 -15.41
CA ASP B 169 -9.84 0.15 -15.19
C ASP B 169 -8.37 0.34 -14.81
N ASN B 170 -7.57 0.79 -15.77
CA ASN B 170 -6.15 0.98 -15.48
C ASN B 170 -5.89 2.07 -14.44
N TRP B 171 -6.72 3.11 -14.42
CA TRP B 171 -6.51 4.19 -13.47
C TRP B 171 -6.82 3.79 -12.03
N LEU B 172 -7.52 2.66 -11.86
CA LEU B 172 -7.84 2.16 -10.53
C LEU B 172 -7.08 0.87 -10.24
N ASN B 173 -5.96 0.69 -10.95
CA ASN B 173 -5.10 -0.48 -10.78
C ASN B 173 -5.83 -1.82 -10.82
N PHE B 174 -7.02 -1.84 -11.43
CA PHE B 174 -7.80 -3.07 -11.53
C PHE B 174 -8.13 -3.62 -10.14
N ASP B 175 -7.97 -2.81 -9.10
CA ASP B 175 -8.25 -3.27 -7.74
C ASP B 175 -8.77 -2.24 -6.74
N GLY B 176 -9.17 -1.07 -7.24
CA GLY B 176 -9.71 -0.06 -6.33
C GLY B 176 -8.72 0.90 -5.69
N THR B 177 -7.53 1.03 -6.27
CA THR B 177 -6.52 1.96 -5.77
C THR B 177 -6.04 2.80 -6.94
N LEU B 178 -5.51 3.99 -6.66
CA LEU B 178 -5.08 4.89 -7.74
C LEU B 178 -3.74 4.60 -8.40
N LEU B 179 -3.76 4.59 -9.73
CA LEU B 179 -2.59 4.33 -10.57
C LEU B 179 -1.33 5.10 -10.15
N GLY B 180 -1.51 6.38 -9.80
CA GLY B 180 -0.38 7.20 -9.41
C GLY B 180 0.47 6.65 -8.28
N ASN B 181 -0.11 5.78 -7.45
CA ASN B 181 0.61 5.24 -6.31
C ASN B 181 1.24 3.86 -6.55
N LEU B 182 1.19 3.37 -7.79
CA LEU B 182 1.80 2.09 -8.10
C LEU B 182 3.32 2.16 -7.91
N LEU B 183 3.86 3.37 -7.91
CA LEU B 183 5.29 3.57 -7.74
C LEU B 183 5.83 3.09 -6.40
N ILE B 184 4.93 2.74 -5.48
CA ILE B 184 5.34 2.25 -4.18
C ILE B 184 5.81 0.79 -4.32
N PHE B 185 5.53 0.20 -5.48
CA PHE B 185 5.95 -1.17 -5.76
C PHE B 185 7.19 -1.13 -6.63
N PRO B 186 7.94 -2.24 -6.69
CA PRO B 186 9.15 -2.25 -7.53
C PRO B 186 8.71 -1.85 -8.95
N HIS B 187 9.37 -0.86 -9.53
CA HIS B 187 8.97 -0.39 -10.86
C HIS B 187 10.06 0.38 -11.60
N GLN B 188 9.79 0.63 -12.87
CA GLN B 188 10.65 1.43 -13.74
C GLN B 188 9.73 2.02 -14.79
N PHE B 189 10.26 2.94 -15.59
CA PHE B 189 9.50 3.57 -16.66
C PHE B 189 10.29 3.34 -17.94
N ILE B 190 9.60 3.18 -19.05
CA ILE B 190 10.31 3.08 -20.31
C ILE B 190 9.85 4.35 -21.00
N ASN B 191 10.69 5.37 -20.94
CA ASN B 191 10.41 6.66 -21.54
C ASN B 191 11.24 6.64 -22.83
N LEU B 192 10.54 6.48 -23.96
CA LEU B 192 11.20 6.37 -25.26
C LEU B 192 12.36 7.31 -25.54
N ARG B 193 12.31 8.52 -25.00
CA ARG B 193 13.41 9.45 -25.24
C ARG B 193 14.63 9.09 -24.42
N SER B 194 14.49 8.22 -23.42
CA SER B 194 15.60 7.84 -22.54
C SER B 194 16.09 6.40 -22.61
N ASN B 195 15.19 5.44 -22.53
CA ASN B 195 15.57 4.03 -22.54
C ASN B 195 14.67 3.18 -23.44
N ASN B 196 15.15 2.01 -23.82
CA ASN B 196 14.38 1.11 -24.66
C ASN B 196 14.12 -0.20 -23.94
N SER B 197 14.34 -0.21 -22.63
CA SER B 197 14.11 -1.42 -21.83
C SER B 197 14.06 -1.12 -20.34
N ALA B 198 13.47 -2.05 -19.60
CA ALA B 198 13.35 -1.94 -18.15
C ALA B 198 13.76 -3.30 -17.57
N THR B 199 14.46 -3.27 -16.45
CA THR B 199 14.92 -4.50 -15.83
C THR B 199 14.58 -4.52 -14.35
N LEU B 200 13.85 -5.56 -13.92
CA LEU B 200 13.48 -5.69 -12.53
C LEU B 200 13.80 -7.10 -12.05
N ILE B 201 14.59 -7.19 -10.98
CA ILE B 201 14.92 -8.48 -10.39
C ILE B 201 14.17 -8.53 -9.08
N VAL B 202 13.27 -9.51 -8.93
CA VAL B 202 12.49 -9.63 -7.71
C VAL B 202 12.71 -10.95 -6.99
N PRO B 203 12.71 -10.92 -5.66
CA PRO B 203 12.92 -12.14 -4.88
C PRO B 203 11.57 -12.81 -4.65
N TYR B 204 11.60 -13.98 -4.04
CA TYR B 204 10.36 -14.68 -3.74
C TYR B 204 9.74 -13.89 -2.58
N VAL B 205 8.45 -13.57 -2.69
CA VAL B 205 7.75 -12.84 -1.65
C VAL B 205 6.45 -13.56 -1.36
N ASN B 206 6.27 -13.98 -0.11
CA ASN B 206 5.06 -14.72 0.29
C ASN B 206 5.09 -14.90 1.80
N ALA B 207 3.94 -15.23 2.40
CA ALA B 207 3.85 -15.44 3.83
C ALA B 207 4.16 -16.89 4.21
N VAL B 208 4.50 -17.69 3.20
CA VAL B 208 4.86 -19.09 3.38
C VAL B 208 6.12 -19.31 2.52
N PRO B 209 7.03 -20.20 2.94
CA PRO B 209 8.29 -20.49 2.23
C PRO B 209 8.19 -21.04 0.81
N MET B 210 7.12 -21.78 0.53
CA MET B 210 6.88 -22.35 -0.79
C MET B 210 5.37 -22.35 -0.97
N ASP B 211 4.89 -22.50 -2.20
CA ASP B 211 3.46 -22.48 -2.43
C ASP B 211 3.08 -23.16 -3.74
N SER B 212 1.78 -23.37 -3.94
CA SER B 212 1.26 -23.97 -5.15
C SER B 212 1.42 -22.97 -6.29
N MET B 213 2.12 -23.39 -7.34
CA MET B 213 2.32 -22.49 -8.46
C MET B 213 1.12 -22.50 -9.41
N VAL B 214 0.20 -23.42 -9.16
CA VAL B 214 -0.99 -23.53 -9.99
C VAL B 214 -2.14 -22.65 -9.48
N ARG B 215 -2.29 -22.56 -8.16
CA ARG B 215 -3.39 -21.74 -7.69
C ARG B 215 -3.05 -20.44 -6.98
N HIS B 216 -1.77 -20.07 -6.98
CA HIS B 216 -1.36 -18.81 -6.36
C HIS B 216 -0.34 -18.07 -7.21
N ASN B 217 -0.72 -16.89 -7.72
CA ASN B 217 0.19 -16.07 -8.50
C ASN B 217 0.80 -15.05 -7.55
N ASN B 218 2.09 -15.21 -7.28
CA ASN B 218 2.80 -14.35 -6.36
C ASN B 218 3.01 -12.93 -6.87
N TRP B 219 3.44 -12.79 -8.12
CA TRP B 219 3.69 -11.48 -8.70
C TRP B 219 2.84 -11.23 -9.93
N SER B 220 2.61 -9.95 -10.22
CA SER B 220 1.87 -9.53 -11.41
C SER B 220 2.68 -8.44 -12.10
N LEU B 221 2.90 -8.60 -13.40
CA LEU B 221 3.62 -7.61 -14.18
C LEU B 221 2.57 -6.73 -14.85
N VAL B 222 2.57 -5.45 -14.51
CA VAL B 222 1.61 -4.51 -15.08
C VAL B 222 2.35 -3.46 -15.88
N ILE B 223 1.91 -3.25 -17.12
CA ILE B 223 2.52 -2.25 -18.00
C ILE B 223 1.43 -1.31 -18.50
N ILE B 224 1.49 -0.05 -18.07
CA ILE B 224 0.49 0.93 -18.44
C ILE B 224 1.12 2.11 -19.19
N PRO B 225 0.64 2.41 -20.40
CA PRO B 225 1.22 3.55 -21.11
C PRO B 225 0.65 4.83 -20.50
N VAL B 226 1.44 5.51 -19.67
CA VAL B 226 0.99 6.73 -19.01
C VAL B 226 1.12 7.95 -19.92
N CYS B 227 1.93 7.82 -20.95
CA CYS B 227 2.11 8.89 -21.94
C CYS B 227 1.97 8.22 -23.29
N GLN B 228 0.93 8.64 -24.01
CA GLN B 228 0.58 8.09 -25.31
C GLN B 228 1.72 8.03 -26.33
N LEU B 229 1.78 6.93 -27.06
CA LEU B 229 2.79 6.75 -28.11
C LEU B 229 2.46 7.71 -29.25
N GLN B 230 3.41 8.56 -29.60
CA GLN B 230 3.21 9.52 -30.68
C GLN B 230 4.45 9.68 -31.55
N SER B 231 4.23 9.92 -32.84
CA SER B 231 5.32 10.12 -33.79
C SER B 231 4.70 10.55 -35.11
N ASN B 232 5.55 10.86 -36.08
CA ASN B 232 5.07 11.25 -37.40
C ASN B 232 5.33 10.13 -38.39
N ASN B 233 5.34 8.90 -37.89
CA ASN B 233 5.54 7.72 -38.72
C ASN B 233 4.82 6.56 -38.02
N ILE B 234 3.54 6.77 -37.78
CA ILE B 234 2.71 5.80 -37.08
C ILE B 234 2.55 4.44 -37.76
N SER B 235 2.80 4.37 -39.07
CA SER B 235 2.66 3.09 -39.76
C SER B 235 3.67 2.06 -39.26
N ASN B 236 4.78 2.53 -38.73
CA ASN B 236 5.83 1.63 -38.21
C ASN B 236 5.35 1.08 -36.87
N ILE B 237 5.09 -0.22 -36.82
CA ILE B 237 4.61 -0.85 -35.59
C ILE B 237 5.66 -0.87 -34.49
N VAL B 238 5.24 -0.51 -33.29
CA VAL B 238 6.12 -0.48 -32.12
C VAL B 238 5.67 -1.54 -31.12
N PRO B 239 6.33 -2.70 -31.13
CA PRO B 239 5.96 -3.77 -30.20
C PRO B 239 6.56 -3.62 -28.82
N ILE B 240 6.05 -4.41 -27.88
CA ILE B 240 6.56 -4.45 -26.52
C ILE B 240 6.80 -5.94 -26.31
N THR B 241 8.01 -6.31 -25.91
CA THR B 241 8.33 -7.71 -25.70
C THR B 241 8.78 -7.94 -24.27
N VAL B 242 8.32 -9.03 -23.68
CA VAL B 242 8.67 -9.37 -22.31
C VAL B 242 9.44 -10.67 -22.21
N SER B 243 10.58 -10.63 -21.53
CA SER B 243 11.41 -11.82 -21.33
C SER B 243 11.59 -11.97 -19.83
N ILE B 244 11.23 -13.14 -19.31
CA ILE B 244 11.32 -13.40 -17.89
C ILE B 244 12.17 -14.62 -17.58
N SER B 245 13.07 -14.48 -16.62
CA SER B 245 13.94 -15.58 -16.23
C SER B 245 13.77 -15.98 -14.77
N PRO B 246 13.34 -17.22 -14.51
CA PRO B 246 13.18 -17.62 -13.12
C PRO B 246 14.58 -17.56 -12.50
N MET B 247 14.65 -17.49 -11.17
CA MET B 247 15.93 -17.47 -10.47
C MET B 247 15.79 -18.30 -9.21
N CYS B 248 16.72 -19.22 -8.99
CA CYS B 248 16.69 -20.08 -7.81
C CYS B 248 15.39 -20.88 -7.75
N ALA B 249 14.89 -21.28 -8.92
CA ALA B 249 13.65 -22.04 -8.95
C ALA B 249 13.87 -23.40 -8.29
N GLU B 250 12.97 -23.78 -7.39
CA GLU B 250 13.06 -25.07 -6.73
C GLU B 250 11.66 -25.58 -6.47
N PHE B 251 11.47 -26.89 -6.57
CA PHE B 251 10.16 -27.50 -6.39
C PHE B 251 10.17 -28.67 -5.43
N SER B 252 9.02 -28.91 -4.83
CA SER B 252 8.89 -29.98 -3.85
C SER B 252 7.49 -30.64 -3.93
N GLY B 253 7.42 -31.90 -3.49
CA GLY B 253 6.16 -32.62 -3.53
C GLY B 253 5.83 -33.18 -4.91
N ALA B 254 6.74 -34.00 -5.44
CA ALA B 254 6.57 -34.60 -6.76
C ALA B 254 5.46 -35.64 -6.82
N ARG B 255 4.82 -35.75 -7.98
CA ARG B 255 3.73 -36.69 -8.21
C ARG B 255 3.43 -36.66 -9.71
N ALA B 256 2.20 -37.01 -10.08
CA ALA B 256 1.80 -36.97 -11.49
C ALA B 256 1.67 -35.52 -11.91
N LYS B 257 1.52 -35.27 -13.21
CA LYS B 257 1.40 -33.90 -13.70
C LYS B 257 -0.04 -33.40 -13.60
N THR B 258 -0.21 -32.27 -12.92
CA THR B 258 -1.53 -31.67 -12.76
C THR B 258 -2.03 -31.13 -14.09
N VAL B 259 -3.29 -31.39 -14.42
CA VAL B 259 -3.89 -30.91 -15.64
C VAL B 259 -5.00 -29.94 -15.28
N VAL B 260 -4.89 -28.69 -15.73
CA VAL B 260 -5.88 -27.67 -15.41
C VAL B 260 -7.02 -27.57 -16.41
N GLN B 261 -8.25 -27.46 -15.87
CA GLN B 261 -9.49 -27.34 -16.64
C GLN B 261 -10.18 -28.68 -16.86
N GLY C 1 -5.53 -6.55 53.52
CA GLY C 1 -5.01 -6.29 52.19
C GLY C 1 -4.39 -4.92 52.04
N LEU C 2 -3.67 -4.71 50.95
CA LEU C 2 -3.04 -3.43 50.68
C LEU C 2 -4.07 -2.35 50.45
N PRO C 3 -4.01 -1.26 51.22
CA PRO C 3 -4.99 -0.19 51.01
C PRO C 3 -4.73 0.47 49.66
N VAL C 4 -5.80 0.64 48.88
CA VAL C 4 -5.66 1.25 47.56
C VAL C 4 -6.68 2.35 47.36
N TYR C 5 -6.39 3.24 46.42
CA TYR C 5 -7.26 4.36 46.11
C TYR C 5 -7.58 4.32 44.62
N VAL C 6 -8.82 3.98 44.29
CA VAL C 6 -9.22 3.91 42.88
C VAL C 6 -9.26 5.31 42.29
N THR C 7 -8.41 5.54 41.29
CA THR C 7 -8.30 6.84 40.64
C THR C 7 -9.28 7.08 39.50
N PRO C 8 -9.60 8.35 39.24
CA PRO C 8 -10.52 8.69 38.15
C PRO C 8 -9.92 8.10 36.88
N GLY C 9 -10.77 7.58 36.00
CA GLY C 9 -10.28 6.98 34.77
C GLY C 9 -10.45 5.46 34.86
N SER C 10 -10.39 4.93 36.07
CA SER C 10 -10.55 3.49 36.30
C SER C 10 -11.82 2.96 35.65
N GLY C 11 -11.73 1.76 35.08
CA GLY C 11 -12.89 1.15 34.46
C GLY C 11 -13.24 1.66 33.07
N GLN C 12 -12.68 2.79 32.67
CA GLN C 12 -12.95 3.34 31.35
C GLN C 12 -12.20 2.58 30.28
N PHE C 13 -12.63 2.73 29.04
CA PHE C 13 -11.96 2.12 27.91
C PHE C 13 -11.57 3.22 26.93
N MET C 14 -10.27 3.52 26.86
CA MET C 14 -9.77 4.54 25.94
C MET C 14 -9.10 3.77 24.81
N THR C 15 -9.58 3.98 23.58
CA THR C 15 -9.05 3.26 22.43
C THR C 15 -7.55 3.39 22.22
N THR C 16 -6.92 4.37 22.84
CA THR C 16 -5.48 4.55 22.68
C THR C 16 -4.69 4.20 23.95
N ASP C 17 -5.33 3.53 24.91
CA ASP C 17 -4.61 3.16 26.12
C ASP C 17 -3.61 2.06 25.79
N ASP C 18 -2.69 1.80 26.72
CA ASP C 18 -1.68 0.78 26.50
C ASP C 18 -1.56 -0.12 27.73
N MET C 19 -2.56 -0.96 27.93
CA MET C 19 -2.60 -1.85 29.08
C MET C 19 -2.30 -3.28 28.63
N GLN C 20 -2.14 -4.15 29.63
CA GLN C 20 -1.89 -5.57 29.38
C GLN C 20 -3.21 -6.28 29.64
N SER C 21 -3.38 -7.48 29.10
CA SER C 21 -4.60 -8.23 29.30
C SER C 21 -4.33 -9.73 29.17
N PRO C 22 -5.12 -10.55 29.87
CA PRO C 22 -4.94 -12.00 29.82
C PRO C 22 -5.12 -12.57 28.40
N CYS C 23 -4.33 -13.59 28.09
CA CYS C 23 -4.39 -14.24 26.79
C CYS C 23 -5.43 -15.34 26.77
N ALA C 24 -6.32 -15.29 25.78
CA ALA C 24 -7.39 -16.28 25.66
C ALA C 24 -6.88 -17.65 25.24
N LEU C 25 -5.69 -17.70 24.65
CA LEU C 25 -5.12 -18.96 24.21
C LEU C 25 -3.81 -19.26 24.92
N PRO C 26 -3.87 -19.64 26.20
CA PRO C 26 -2.65 -19.94 26.96
C PRO C 26 -1.88 -21.12 26.36
N TRP C 27 -0.55 -21.07 26.47
CA TRP C 27 0.34 -22.13 25.95
C TRP C 27 0.49 -22.17 24.44
N TYR C 28 -0.34 -21.40 23.72
CA TYR C 28 -0.28 -21.39 22.27
C TYR C 28 1.04 -20.80 21.76
N HIS C 29 1.67 -21.52 20.83
CA HIS C 29 2.94 -21.07 20.25
C HIS C 29 2.72 -20.63 18.80
N PRO C 30 2.87 -19.33 18.52
CA PRO C 30 2.69 -18.78 17.17
C PRO C 30 3.65 -19.37 16.13
N THR C 31 3.21 -19.34 14.87
CA THR C 31 4.01 -19.86 13.77
C THR C 31 5.37 -19.16 13.71
N LYS C 32 6.42 -19.92 13.45
CA LYS C 32 7.77 -19.35 13.36
C LYS C 32 7.74 -18.23 12.32
N GLU C 33 8.44 -17.14 12.62
CA GLU C 33 8.50 -16.01 11.70
C GLU C 33 9.55 -16.31 10.64
N ILE C 34 9.21 -16.11 9.36
CA ILE C 34 10.19 -16.34 8.30
C ILE C 34 10.56 -15.00 7.70
N PHE C 35 11.64 -14.97 6.95
CA PHE C 35 12.07 -13.72 6.33
C PHE C 35 11.19 -13.40 5.12
N ILE C 36 10.69 -12.17 5.07
CA ILE C 36 9.88 -11.74 3.95
C ILE C 36 10.47 -10.42 3.48
N PRO C 37 10.82 -10.32 2.19
CA PRO C 37 11.39 -9.07 1.68
C PRO C 37 10.36 -7.93 1.78
N GLY C 38 10.84 -6.71 1.93
CA GLY C 38 9.95 -5.56 1.98
C GLY C 38 9.35 -5.13 3.31
N GLU C 39 9.97 -5.47 4.43
CA GLU C 39 9.41 -5.05 5.70
C GLU C 39 9.44 -3.53 5.85
N VAL C 40 8.40 -2.98 6.46
CA VAL C 40 8.30 -1.55 6.71
C VAL C 40 8.20 -1.37 8.22
N LYS C 41 9.03 -0.50 8.78
CA LYS C 41 8.99 -0.28 10.22
C LYS C 41 8.41 1.07 10.60
N ASN C 42 8.45 2.02 9.67
CA ASN C 42 7.95 3.36 9.92
C ASN C 42 7.34 3.92 8.64
N LEU C 43 6.19 4.59 8.75
CA LEU C 43 5.51 5.15 7.58
C LEU C 43 6.35 6.19 6.84
N ILE C 44 7.37 6.73 7.51
CA ILE C 44 8.22 7.73 6.87
C ILE C 44 8.87 7.07 5.64
N GLU C 45 9.09 5.77 5.72
CA GLU C 45 9.70 5.05 4.61
C GLU C 45 8.84 5.17 3.36
N MET C 46 7.53 5.23 3.55
CA MET C 46 6.61 5.33 2.44
C MET C 46 6.46 6.78 1.95
N CYS C 47 6.73 7.73 2.83
CA CYS C 47 6.63 9.15 2.47
C CYS C 47 7.83 9.59 1.65
N GLN C 48 8.90 8.80 1.70
CA GLN C 48 10.12 9.13 0.99
C GLN C 48 10.17 8.59 -0.44
N VAL C 49 9.11 7.90 -0.84
CA VAL C 49 9.03 7.33 -2.18
C VAL C 49 8.12 8.17 -3.08
N ASP C 50 8.61 8.55 -4.26
CA ASP C 50 7.82 9.35 -5.20
C ASP C 50 6.58 8.62 -5.68
N THR C 51 5.47 9.35 -5.82
CA THR C 51 4.25 8.81 -6.40
C THR C 51 3.76 9.96 -7.27
N LEU C 52 2.97 9.64 -8.30
CA LEU C 52 2.49 10.66 -9.24
C LEU C 52 1.40 11.56 -8.70
N ILE C 53 1.46 12.84 -9.08
CA ILE C 53 0.47 13.83 -8.68
C ILE C 53 -0.60 13.92 -9.77
N PRO C 54 -1.88 13.70 -9.43
CA PRO C 54 -2.96 13.78 -10.44
C PRO C 54 -3.21 15.27 -10.66
N ILE C 55 -2.17 15.96 -11.08
CA ILE C 55 -2.18 17.39 -11.31
C ILE C 55 -3.15 17.89 -12.37
N ASN C 56 -3.44 17.05 -13.36
CA ASN C 56 -4.37 17.45 -14.42
C ASN C 56 -5.74 16.82 -14.18
N SER C 57 -6.18 16.82 -12.93
CA SER C 57 -7.45 16.23 -12.56
C SER C 57 -8.69 17.11 -12.76
N THR C 58 -8.87 17.60 -13.98
CA THR C 58 -10.06 18.38 -14.30
C THR C 58 -11.16 17.33 -14.41
N GLN C 59 -12.41 17.76 -14.38
CA GLN C 59 -13.50 16.79 -14.45
C GLN C 59 -13.43 15.88 -15.67
N SER C 60 -13.06 16.43 -16.82
CA SER C 60 -12.98 15.63 -18.03
C SER C 60 -11.82 14.63 -18.04
N ASN C 61 -10.82 14.84 -17.19
CA ASN C 61 -9.68 13.93 -17.14
C ASN C 61 -9.76 12.85 -16.07
N ILE C 62 -10.43 13.14 -14.96
CA ILE C 62 -10.54 12.16 -13.89
C ILE C 62 -11.11 10.85 -14.44
N GLY C 63 -10.43 9.75 -14.12
CA GLY C 63 -10.87 8.44 -14.59
C GLY C 63 -10.05 8.06 -15.81
N ASN C 64 -9.01 8.84 -16.08
CA ASN C 64 -8.14 8.61 -17.22
C ASN C 64 -6.69 8.85 -16.83
N VAL C 65 -5.76 8.13 -17.46
CA VAL C 65 -4.34 8.33 -17.14
C VAL C 65 -3.92 9.77 -17.42
N SER C 66 -4.61 10.41 -18.34
CA SER C 66 -4.30 11.79 -18.70
C SER C 66 -4.42 12.76 -17.52
N MET C 67 -5.05 12.33 -16.43
CA MET C 67 -5.18 13.20 -15.28
C MET C 67 -3.83 13.38 -14.58
N TYR C 68 -2.86 12.55 -14.96
CA TYR C 68 -1.52 12.60 -14.37
C TYR C 68 -0.49 13.32 -15.25
N THR C 69 -0.90 13.73 -16.45
CA THR C 69 0.05 14.41 -17.35
C THR C 69 -0.28 15.85 -17.66
N VAL C 70 0.76 16.63 -17.92
CA VAL C 70 0.63 18.04 -18.28
C VAL C 70 1.20 18.20 -19.68
N THR C 71 0.43 18.80 -20.57
CA THR C 71 0.89 18.97 -21.95
C THR C 71 1.68 20.25 -22.19
N LEU C 72 2.76 20.11 -22.94
CA LEU C 72 3.64 21.22 -23.29
C LEU C 72 3.64 21.34 -24.81
N SER C 73 3.88 22.54 -25.32
CA SER C 73 3.86 22.76 -26.77
C SER C 73 4.47 24.11 -27.14
N PRO C 74 4.78 24.31 -28.43
CA PRO C 74 5.36 25.58 -28.88
C PRO C 74 4.41 26.73 -28.53
N GLN C 75 4.94 27.76 -27.90
CA GLN C 75 4.14 28.91 -27.50
C GLN C 75 4.29 30.08 -28.46
N THR C 76 3.24 30.90 -28.56
CA THR C 76 3.29 32.07 -29.43
C THR C 76 3.50 33.31 -28.56
N LYS C 77 3.15 33.20 -27.28
CA LYS C 77 3.35 34.28 -26.32
C LYS C 77 4.44 33.82 -25.36
N LEU C 78 5.31 34.73 -24.94
CA LEU C 78 6.39 34.40 -24.04
C LEU C 78 5.99 34.28 -22.57
N ALA C 79 6.77 33.50 -21.82
CA ALA C 79 6.57 33.30 -20.38
C ALA C 79 5.18 32.85 -19.94
N GLU C 80 4.55 31.98 -20.70
CA GLU C 80 3.23 31.48 -20.36
C GLU C 80 3.25 30.55 -19.14
N GLU C 81 2.16 30.57 -18.39
CA GLU C 81 2.03 29.74 -17.20
C GLU C 81 1.62 28.34 -17.62
N ILE C 82 2.25 27.33 -17.02
CA ILE C 82 1.97 25.94 -17.35
C ILE C 82 1.03 25.28 -16.35
N PHE C 83 1.28 25.48 -15.06
CA PHE C 83 0.41 24.93 -14.03
C PHE C 83 0.63 25.66 -12.71
N ALA C 84 -0.29 25.46 -11.78
CA ALA C 84 -0.20 26.10 -10.47
C ALA C 84 -1.04 25.32 -9.47
N ILE C 85 -0.44 24.97 -8.34
CA ILE C 85 -1.16 24.25 -7.30
C ILE C 85 -0.65 24.68 -5.94
N LYS C 86 -1.42 24.37 -4.89
CA LYS C 86 -1.01 24.69 -3.54
C LYS C 86 0.05 23.67 -3.14
N VAL C 87 0.94 24.09 -2.25
CA VAL C 87 2.01 23.21 -1.79
C VAL C 87 1.58 22.33 -0.62
N ASP C 88 0.51 22.72 0.05
CA ASP C 88 -0.02 21.98 1.19
C ASP C 88 -0.16 20.50 0.90
N ILE C 89 0.65 19.70 1.60
CA ILE C 89 0.72 18.26 1.40
C ILE C 89 -0.58 17.47 1.38
N ALA C 90 -1.61 17.92 2.08
CA ALA C 90 -2.88 17.19 2.08
C ALA C 90 -4.00 17.92 1.35
N SER C 91 -3.66 18.94 0.59
CA SER C 91 -4.65 19.68 -0.18
C SER C 91 -4.73 19.04 -1.56
N HIS C 92 -5.71 19.45 -2.36
CA HIS C 92 -5.89 18.91 -3.70
C HIS C 92 -5.10 19.76 -4.70
N PRO C 93 -4.50 19.13 -5.72
CA PRO C 93 -4.45 17.70 -6.07
C PRO C 93 -3.44 16.79 -5.39
N LEU C 94 -2.72 17.29 -4.39
CA LEU C 94 -1.73 16.44 -3.71
C LEU C 94 -2.34 15.37 -2.82
N ALA C 95 -3.55 15.62 -2.31
CA ALA C 95 -4.25 14.70 -1.41
C ALA C 95 -4.18 13.20 -1.68
N THR C 96 -4.46 12.75 -2.91
CA THR C 96 -4.44 11.32 -3.16
C THR C 96 -3.08 10.69 -3.48
N THR C 97 -2.01 11.47 -3.41
CA THR C 97 -0.69 10.89 -3.64
C THR C 97 -0.41 10.08 -2.37
N LEU C 98 0.55 9.17 -2.40
CA LEU C 98 0.81 8.36 -1.21
C LEU C 98 1.18 9.20 0.01
N ILE C 99 2.05 10.19 -0.18
CA ILE C 99 2.44 11.04 0.94
C ILE C 99 1.25 11.87 1.41
N GLY C 100 0.37 12.25 0.48
CA GLY C 100 -0.80 13.03 0.83
C GLY C 100 -1.79 12.18 1.61
N GLU C 101 -1.91 10.92 1.23
CA GLU C 101 -2.83 9.99 1.90
C GLU C 101 -2.35 9.71 3.31
N ILE C 102 -1.04 9.52 3.48
CA ILE C 102 -0.47 9.25 4.78
C ILE C 102 -0.60 10.51 5.65
N ALA C 103 -0.35 11.66 5.05
CA ALA C 103 -0.46 12.93 5.77
C ALA C 103 -1.89 13.12 6.26
N SER C 104 -2.84 12.54 5.55
CA SER C 104 -4.25 12.66 5.92
C SER C 104 -4.62 11.79 7.12
N TYR C 105 -3.66 11.02 7.61
CA TYR C 105 -3.88 10.17 8.78
C TYR C 105 -3.25 10.86 10.01
N PHE C 106 -2.76 12.07 9.80
CA PHE C 106 -2.16 12.85 10.86
C PHE C 106 -2.68 14.27 10.84
N THR C 107 -2.56 14.96 11.98
CA THR C 107 -3.05 16.32 12.11
C THR C 107 -2.02 17.40 11.75
N HIS C 108 -0.74 17.11 11.99
CA HIS C 108 0.33 18.09 11.73
C HIS C 108 1.41 17.55 10.80
N TRP C 109 2.08 18.47 10.11
CA TRP C 109 3.19 18.10 9.24
C TRP C 109 4.27 19.20 9.31
N THR C 110 5.49 18.83 8.93
CA THR C 110 6.60 19.75 8.92
C THR C 110 7.62 19.18 7.95
N GLY C 111 8.65 19.95 7.63
CA GLY C 111 9.67 19.45 6.73
C GLY C 111 9.56 19.96 5.30
N SER C 112 10.55 19.60 4.49
CA SER C 112 10.61 20.02 3.11
C SER C 112 10.04 18.98 2.16
N LEU C 113 9.47 19.46 1.06
CA LEU C 113 8.86 18.59 0.06
C LEU C 113 9.69 18.53 -1.22
N ARG C 114 9.70 17.36 -1.85
CA ARG C 114 10.44 17.15 -3.08
C ARG C 114 9.50 16.91 -4.26
N PHE C 115 9.45 17.87 -5.19
CA PHE C 115 8.62 17.75 -6.37
C PHE C 115 9.51 17.46 -7.57
N SER C 116 9.21 16.38 -8.28
CA SER C 116 10.01 16.02 -9.45
C SER C 116 9.17 16.04 -10.71
N PHE C 117 9.82 16.28 -11.85
CA PHE C 117 9.12 16.33 -13.12
C PHE C 117 9.92 15.62 -14.20
N MET C 118 9.28 14.71 -14.90
CA MET C 118 9.94 13.95 -15.97
C MET C 118 9.35 14.34 -17.32
N PHE C 119 10.19 14.85 -18.22
CA PHE C 119 9.76 15.24 -19.55
C PHE C 119 9.62 13.99 -20.40
N CYS C 120 8.53 13.90 -21.17
CA CYS C 120 8.30 12.71 -21.98
C CYS C 120 8.15 12.96 -23.48
N GLY C 121 8.73 14.05 -23.97
CA GLY C 121 8.66 14.33 -25.40
C GLY C 121 9.74 13.52 -26.12
N THR C 122 9.94 13.75 -27.41
CA THR C 122 10.96 12.97 -28.13
C THR C 122 12.33 13.41 -27.66
N ALA C 123 13.33 12.61 -27.97
CA ALA C 123 14.69 12.95 -27.57
C ALA C 123 15.20 14.19 -28.30
N ASN C 124 14.50 14.61 -29.35
CA ASN C 124 14.93 15.80 -30.09
C ASN C 124 14.13 17.03 -29.73
N THR C 125 13.28 16.90 -28.73
CA THR C 125 12.46 18.01 -28.28
C THR C 125 13.22 18.71 -27.16
N THR C 126 13.41 20.03 -27.27
CA THR C 126 14.11 20.76 -26.23
C THR C 126 13.16 21.70 -25.52
N LEU C 127 13.56 22.16 -24.34
CA LEU C 127 12.73 23.03 -23.54
C LEU C 127 13.41 23.47 -22.25
N LYS C 128 13.09 24.69 -21.82
CA LYS C 128 13.60 25.22 -20.55
C LYS C 128 12.36 25.74 -19.84
N VAL C 129 12.20 25.32 -18.58
CA VAL C 129 11.05 25.68 -17.79
C VAL C 129 11.48 26.23 -16.43
N LEU C 130 10.65 27.05 -15.83
CA LEU C 130 10.96 27.62 -14.51
C LEU C 130 9.93 27.14 -13.50
N LEU C 131 10.40 26.39 -12.51
CA LEU C 131 9.55 25.88 -11.44
C LEU C 131 9.77 26.74 -10.22
N ALA C 132 8.70 27.35 -9.71
CA ALA C 132 8.83 28.24 -8.58
C ALA C 132 7.96 27.94 -7.37
N TYR C 133 8.52 28.21 -6.19
CA TYR C 133 7.80 28.03 -4.94
C TYR C 133 7.62 29.42 -4.35
N THR C 134 6.37 29.79 -4.12
CA THR C 134 6.05 31.10 -3.56
C THR C 134 5.67 30.95 -2.09
N PRO C 135 6.54 31.40 -1.18
CA PRO C 135 6.23 31.29 0.25
C PRO C 135 4.95 32.09 0.53
N PRO C 136 4.21 31.74 1.59
CA PRO C 136 2.97 32.43 1.92
C PRO C 136 3.04 33.92 2.26
N GLY C 137 1.88 34.51 2.53
CA GLY C 137 1.80 35.92 2.86
C GLY C 137 1.60 36.79 1.63
N ILE C 138 1.30 36.14 0.50
CA ILE C 138 1.10 36.85 -0.76
C ILE C 138 0.30 35.93 -1.66
N GLY C 139 -0.37 36.48 -2.67
CA GLY C 139 -1.15 35.65 -3.58
C GLY C 139 -0.25 34.90 -4.56
N LYS C 140 -0.80 33.97 -5.33
CA LYS C 140 0.03 33.24 -6.28
C LYS C 140 0.55 34.23 -7.32
N PRO C 141 1.78 34.03 -7.79
CA PRO C 141 2.36 34.93 -8.79
C PRO C 141 1.49 35.00 -10.05
N ARG C 142 1.35 36.20 -10.61
CA ARG C 142 0.53 36.38 -11.81
C ARG C 142 1.36 36.36 -13.08
N SER C 143 2.68 36.30 -12.92
CA SER C 143 3.58 36.27 -14.07
C SER C 143 4.87 35.55 -13.70
N ARG C 144 5.66 35.23 -14.71
CA ARG C 144 6.93 34.55 -14.47
C ARG C 144 7.84 35.46 -13.66
N LYS C 145 7.86 36.76 -13.99
CA LYS C 145 8.72 37.67 -13.25
C LYS C 145 8.38 37.65 -11.77
N GLU C 146 7.09 37.68 -11.48
CA GLU C 146 6.62 37.69 -10.10
C GLU C 146 6.98 36.37 -9.39
N ALA C 147 6.89 35.27 -10.11
CA ALA C 147 7.18 33.96 -9.56
C ALA C 147 8.65 33.70 -9.27
N MET C 148 9.52 34.08 -10.21
CA MET C 148 10.95 33.84 -10.04
C MET C 148 11.60 34.64 -8.91
N LEU C 149 10.86 35.58 -8.33
CA LEU C 149 11.40 36.36 -7.23
C LEU C 149 11.45 35.48 -5.98
N GLY C 150 10.74 34.35 -6.04
CA GLY C 150 10.73 33.42 -4.92
C GLY C 150 11.72 32.29 -5.15
N THR C 151 11.53 31.17 -4.45
CA THR C 151 12.39 30.01 -4.58
C THR C 151 12.10 29.33 -5.91
N HIS C 152 13.13 29.01 -6.68
CA HIS C 152 12.89 28.35 -7.96
C HIS C 152 14.05 27.59 -8.55
N VAL C 153 13.73 26.83 -9.59
CA VAL C 153 14.69 26.03 -10.32
C VAL C 153 14.42 26.22 -11.81
N VAL C 154 15.47 26.51 -12.58
CA VAL C 154 15.32 26.62 -14.03
C VAL C 154 15.75 25.25 -14.54
N TRP C 155 14.81 24.55 -15.14
CA TRP C 155 15.03 23.21 -15.66
C TRP C 155 15.31 23.17 -17.15
N ASP C 156 16.46 22.60 -17.51
CA ASP C 156 16.84 22.45 -18.91
C ASP C 156 16.65 20.99 -19.28
N VAL C 157 15.79 20.72 -20.26
CA VAL C 157 15.53 19.36 -20.70
C VAL C 157 16.70 18.81 -21.53
N GLY C 158 17.15 17.61 -21.18
CA GLY C 158 18.26 17.00 -21.89
C GLY C 158 18.36 15.51 -21.67
N LEU C 159 19.57 14.96 -21.78
CA LEU C 159 19.77 13.53 -21.60
C LEU C 159 19.10 13.02 -20.33
N GLN C 160 19.21 13.78 -19.25
CA GLN C 160 18.55 13.40 -18.01
C GLN C 160 17.15 13.99 -18.06
N SER C 161 16.17 13.09 -18.07
CA SER C 161 14.76 13.44 -18.20
C SER C 161 14.06 14.09 -17.01
N THR C 162 14.59 13.91 -15.81
CA THR C 162 13.93 14.42 -14.63
C THR C 162 14.64 15.51 -13.83
N VAL C 163 13.85 16.44 -13.30
CA VAL C 163 14.38 17.53 -12.49
C VAL C 163 13.61 17.52 -11.17
N SER C 164 14.21 18.10 -10.14
CA SER C 164 13.55 18.17 -8.83
C SER C 164 13.60 19.58 -8.26
N LEU C 165 12.47 20.01 -7.70
CA LEU C 165 12.37 21.30 -7.05
C LEU C 165 12.06 20.99 -5.61
N VAL C 166 12.84 21.52 -4.68
CA VAL C 166 12.57 21.28 -3.28
C VAL C 166 11.84 22.48 -2.69
N VAL C 167 10.73 22.21 -2.02
CA VAL C 167 9.96 23.26 -1.36
C VAL C 167 10.45 23.22 0.09
N PRO C 168 11.38 24.10 0.45
CA PRO C 168 11.96 24.17 1.80
C PRO C 168 10.91 24.49 2.84
N TRP C 169 11.13 24.03 4.06
CA TRP C 169 10.20 24.33 5.12
C TRP C 169 10.41 25.79 5.53
N ILE C 170 9.51 26.65 5.08
CA ILE C 170 9.57 28.06 5.41
C ILE C 170 8.24 28.37 6.08
N SER C 171 8.25 28.36 7.41
CA SER C 171 7.06 28.57 8.19
C SER C 171 7.35 29.36 9.45
N ALA C 172 6.32 30.01 10.00
CA ALA C 172 6.48 30.76 11.23
C ALA C 172 6.56 29.74 12.35
N SER C 173 5.61 28.80 12.34
CA SER C 173 5.52 27.74 13.35
C SER C 173 6.27 26.48 12.93
N GLN C 174 6.69 25.69 13.92
CA GLN C 174 7.44 24.47 13.65
C GLN C 174 6.61 23.45 12.86
N TYR C 175 5.30 23.48 13.01
CA TYR C 175 4.42 22.57 12.28
C TYR C 175 3.25 23.32 11.67
N ARG C 176 2.53 22.63 10.77
CA ARG C 176 1.34 23.19 10.12
C ARG C 176 0.27 22.11 10.17
N PHE C 177 -0.99 22.53 10.04
CA PHE C 177 -2.10 21.58 10.03
C PHE C 177 -2.13 20.94 8.65
N THR C 178 -2.45 19.64 8.58
CA THR C 178 -2.51 18.97 7.28
C THR C 178 -3.80 19.30 6.54
N THR C 179 -4.86 19.60 7.29
CA THR C 179 -6.14 19.95 6.68
C THR C 179 -6.13 21.43 6.27
N PRO C 180 -6.78 21.77 5.16
CA PRO C 180 -6.86 23.16 4.64
C PRO C 180 -7.21 24.25 5.68
N ASP C 181 -6.17 24.89 6.23
CA ASP C 181 -6.27 25.95 7.25
C ASP C 181 -5.50 27.22 6.81
N THR C 182 -6.23 28.34 6.71
CA THR C 182 -5.64 29.62 6.29
C THR C 182 -4.27 29.89 6.93
N TYR C 183 -4.29 30.18 8.25
CA TYR C 183 -3.07 30.47 9.04
C TYR C 183 -1.84 29.65 8.63
N SER C 184 -2.04 28.35 8.35
CA SER C 184 -0.92 27.50 7.95
C SER C 184 -0.96 26.96 6.51
N SER C 185 -1.39 27.80 5.55
CA SER C 185 -1.39 27.44 4.12
C SER C 185 0.05 27.76 3.67
N ALA C 186 0.78 26.73 3.26
CA ALA C 186 2.20 26.82 2.90
C ALA C 186 2.66 27.54 1.63
N GLY C 187 1.74 27.93 0.76
CA GLY C 187 2.19 28.62 -0.43
C GLY C 187 1.87 27.89 -1.73
N TYR C 188 2.50 28.32 -2.81
CA TYR C 188 2.23 27.75 -4.13
C TYR C 188 3.45 27.31 -4.89
N ILE C 189 3.23 26.42 -5.85
CA ILE C 189 4.29 25.97 -6.73
C ILE C 189 3.70 26.18 -8.12
N THR C 190 4.39 26.99 -8.92
CA THR C 190 3.94 27.28 -10.27
C THR C 190 5.00 26.90 -11.28
N CYS C 191 4.60 26.74 -12.53
CA CYS C 191 5.51 26.37 -13.59
C CYS C 191 5.31 27.31 -14.77
N TRP C 192 6.41 27.81 -15.34
CA TRP C 192 6.35 28.75 -16.47
C TRP C 192 7.38 28.40 -17.54
N TYR C 193 7.11 28.83 -18.76
CA TYR C 193 8.04 28.61 -19.86
C TYR C 193 9.22 29.57 -19.66
N GLN C 194 10.44 29.03 -19.58
CA GLN C 194 11.61 29.89 -19.41
C GLN C 194 12.03 30.39 -20.80
N THR C 195 12.07 29.50 -21.79
CA THR C 195 12.36 29.88 -23.19
C THR C 195 11.14 29.42 -23.98
N ASN C 196 11.22 28.24 -24.58
CA ASN C 196 10.09 27.69 -25.33
C ASN C 196 10.30 26.22 -25.66
N PHE C 197 9.22 25.57 -26.06
CA PHE C 197 9.23 24.17 -26.45
C PHE C 197 9.65 24.22 -27.92
N VAL C 198 10.75 23.56 -28.27
CA VAL C 198 11.22 23.58 -29.65
C VAL C 198 11.48 22.18 -30.20
N VAL C 199 11.08 21.94 -31.44
CA VAL C 199 11.28 20.65 -32.08
C VAL C 199 11.71 20.84 -33.54
N PRO C 200 12.35 19.81 -34.12
CA PRO C 200 12.79 19.89 -35.52
C PRO C 200 11.53 19.61 -36.34
N PRO C 201 11.64 19.62 -37.68
CA PRO C 201 10.42 19.32 -38.43
C PRO C 201 10.09 17.82 -38.32
N ASN C 202 8.86 17.44 -38.65
CA ASN C 202 8.42 16.03 -38.60
C ASN C 202 8.48 15.44 -37.21
N THR C 203 8.24 16.27 -36.19
CA THR C 203 8.27 15.81 -34.81
C THR C 203 7.00 16.27 -34.12
N PRO C 204 6.38 15.40 -33.30
CA PRO C 204 5.14 15.82 -32.62
C PRO C 204 5.26 17.18 -31.93
N ASN C 205 4.25 18.03 -32.16
CA ASN C 205 4.21 19.38 -31.60
C ASN C 205 3.66 19.54 -30.20
N THR C 206 3.56 18.43 -29.48
CA THR C 206 3.11 18.48 -28.09
C THR C 206 3.82 17.34 -27.40
N ALA C 207 3.97 17.45 -26.08
CA ALA C 207 4.62 16.41 -25.31
C ALA C 207 4.06 16.45 -23.91
N GLU C 208 4.15 15.32 -23.21
CA GLU C 208 3.64 15.23 -21.86
C GLU C 208 4.76 15.33 -20.82
N MET C 209 4.35 15.64 -19.60
CA MET C 209 5.25 15.77 -18.47
C MET C 209 4.57 15.08 -17.30
N LEU C 210 5.33 14.28 -16.53
CA LEU C 210 4.80 13.60 -15.36
C LEU C 210 5.30 14.34 -14.11
N CYS C 211 4.48 14.37 -13.06
CA CYS C 211 4.84 15.08 -11.83
C CYS C 211 4.83 14.15 -10.62
N PHE C 212 5.90 14.22 -9.82
CA PHE C 212 6.03 13.37 -8.64
C PHE C 212 6.18 14.19 -7.37
N VAL C 213 5.94 13.54 -6.24
CA VAL C 213 6.10 14.20 -4.95
C VAL C 213 6.51 13.19 -3.88
N SER C 214 7.37 13.63 -2.96
CA SER C 214 7.83 12.80 -1.84
C SER C 214 8.41 13.75 -0.81
N GLY C 215 8.72 13.24 0.38
CA GLY C 215 9.26 14.10 1.42
C GLY C 215 10.77 14.02 1.57
N CYS C 216 11.38 15.14 1.96
CA CYS C 216 12.83 15.19 2.18
C CYS C 216 13.19 14.60 3.55
N LYS C 217 14.48 14.62 3.88
CA LYS C 217 14.95 14.06 5.14
C LYS C 217 14.32 14.65 6.40
N ASP C 218 13.82 15.88 6.30
CA ASP C 218 13.22 16.55 7.46
C ASP C 218 11.71 16.43 7.54
N PHE C 219 11.09 15.70 6.60
CA PHE C 219 9.65 15.54 6.61
C PHE C 219 9.19 14.76 7.83
N CYS C 220 8.06 15.15 8.42
CA CYS C 220 7.57 14.47 9.61
C CYS C 220 6.09 14.77 9.83
N LEU C 221 5.34 13.76 10.28
CA LEU C 221 3.91 13.88 10.54
C LEU C 221 3.66 13.68 12.03
N ARG C 222 2.56 14.23 12.53
CA ARG C 222 2.28 14.16 13.95
C ARG C 222 0.79 14.16 14.29
N MET C 223 0.43 13.56 15.43
CA MET C 223 -0.94 13.48 15.92
C MET C 223 -1.89 12.67 15.03
N ALA C 224 -1.86 11.35 15.21
CA ALA C 224 -2.70 10.45 14.42
C ALA C 224 -4.19 10.77 14.48
N ARG C 225 -4.84 10.70 13.33
CA ARG C 225 -6.28 10.98 13.22
C ARG C 225 -6.87 10.18 12.06
N ASP C 226 -8.19 10.02 12.06
CA ASP C 226 -8.82 9.28 10.97
C ASP C 226 -8.85 10.13 9.71
N THR C 227 -8.76 9.47 8.56
CA THR C 227 -8.73 10.16 7.29
C THR C 227 -10.11 10.54 6.74
N ASP C 228 -10.13 11.61 5.96
CA ASP C 228 -11.37 12.07 5.34
C ASP C 228 -11.28 11.85 3.83
N LEU C 229 -10.30 11.05 3.41
CA LEU C 229 -10.13 10.75 1.99
C LEU C 229 -10.78 9.42 1.64
N HIS C 230 -11.47 8.83 2.60
CA HIS C 230 -12.15 7.56 2.40
C HIS C 230 -13.29 7.45 3.40
N LYS C 231 -14.42 6.87 2.97
CA LYS C 231 -15.58 6.74 3.85
C LYS C 231 -16.35 5.44 3.67
N GLN C 232 -17.32 5.23 4.55
CA GLN C 232 -18.19 4.05 4.51
C GLN C 232 -19.60 4.58 4.72
N THR C 233 -20.46 4.42 3.71
CA THR C 233 -21.82 4.92 3.82
C THR C 233 -22.85 3.81 4.00
N GLY C 234 -22.38 2.58 4.12
CA GLY C 234 -23.28 1.47 4.30
C GLY C 234 -22.52 0.27 4.82
N PRO C 235 -23.21 -0.84 5.14
CA PRO C 235 -22.51 -2.00 5.65
C PRO C 235 -21.71 -2.73 4.58
N ILE C 236 -20.53 -3.22 4.96
CA ILE C 236 -19.68 -3.98 4.05
C ILE C 236 -20.04 -5.41 4.38
N THR C 237 -20.69 -6.07 3.43
CA THR C 237 -21.17 -7.43 3.63
C THR C 237 -20.40 -8.55 2.96
N GLN C 238 -20.83 -9.76 3.26
CA GLN C 238 -20.24 -10.96 2.70
C GLN C 238 -21.02 -11.36 1.46
N GLY D 1 7.07 -10.61 34.79
CA GLY D 1 8.52 -10.46 34.84
C GLY D 1 8.89 -9.02 35.11
N ALA D 2 10.03 -8.80 35.77
CA ALA D 2 10.47 -7.45 36.07
C ALA D 2 11.85 -7.21 35.50
N GLN D 3 11.95 -6.42 34.44
CA GLN D 3 13.25 -6.14 33.85
C GLN D 3 13.80 -4.86 34.52
N VAL D 4 14.27 -5.03 35.76
CA VAL D 4 14.82 -3.95 36.56
C VAL D 4 16.14 -3.39 36.05
N SER D 5 16.15 -2.09 35.78
CA SER D 5 17.34 -1.39 35.30
C SER D 5 17.86 -0.53 36.45
N ARG D 6 19.00 0.13 36.25
CA ARG D 6 19.60 0.97 37.29
C ARG D 6 20.43 2.11 36.69
N GLN D 7 20.38 3.27 37.34
CA GLN D 7 21.15 4.44 36.89
C GLN D 7 21.22 5.50 37.99
N SER D 23 19.28 7.64 41.66
CA SER D 23 19.17 6.40 40.90
C SER D 23 17.81 6.28 40.23
N LEU D 24 17.80 6.07 38.90
CA LEU D 24 16.55 5.93 38.17
C LEU D 24 16.36 4.47 37.75
N ASN D 25 15.62 3.73 38.57
CA ASN D 25 15.35 2.32 38.30
C ASN D 25 14.11 2.13 37.42
N TYR D 26 14.25 1.31 36.38
CA TYR D 26 13.14 1.04 35.46
C TYR D 26 12.55 -0.33 35.73
N PHE D 27 11.23 -0.38 35.92
CA PHE D 27 10.56 -1.65 36.19
C PHE D 27 9.59 -2.09 35.09
N ASN D 28 10.15 -2.74 34.07
CA ASN D 28 9.36 -3.23 32.95
C ASN D 28 8.68 -4.53 33.38
N ILE D 29 7.46 -4.42 33.91
CA ILE D 29 6.72 -5.59 34.39
C ILE D 29 5.74 -6.24 33.41
N ASN D 30 5.79 -7.56 33.33
CA ASN D 30 4.91 -8.35 32.49
C ASN D 30 4.02 -9.12 33.47
N TYR D 31 2.77 -8.72 33.60
CA TYR D 31 1.86 -9.35 34.55
C TYR D 31 1.29 -10.71 34.20
N PHE D 32 1.33 -11.09 32.92
CA PHE D 32 0.79 -12.38 32.49
C PHE D 32 1.90 -13.26 31.90
N LYS D 33 1.62 -14.56 31.77
CA LYS D 33 2.63 -15.48 31.25
C LYS D 33 2.63 -15.76 29.76
N ASP D 34 2.03 -14.87 28.97
CA ASP D 34 2.01 -15.05 27.52
C ASP D 34 2.49 -13.76 26.87
N ALA D 35 3.31 -13.88 25.84
CA ALA D 35 3.85 -12.73 25.14
C ALA D 35 2.76 -11.83 24.56
N ALA D 36 1.69 -12.45 24.09
CA ALA D 36 0.58 -11.70 23.50
C ALA D 36 -0.07 -10.73 24.49
N SER D 37 0.05 -11.02 25.78
CA SER D 37 -0.54 -10.19 26.81
C SER D 37 0.10 -8.84 27.07
N SER D 38 1.39 -8.70 26.78
CA SER D 38 2.07 -7.44 27.04
C SER D 38 1.60 -6.29 26.15
N GLY D 39 1.90 -5.06 26.59
CA GLY D 39 1.51 -3.87 25.87
C GLY D 39 2.29 -3.61 24.59
N ALA D 40 2.13 -2.42 24.03
CA ALA D 40 2.80 -2.05 22.79
C ALA D 40 4.30 -2.27 22.84
N SER D 41 4.86 -2.65 21.69
CA SER D 41 6.30 -2.91 21.58
C SER D 41 7.13 -1.63 21.53
N ARG D 42 8.41 -1.76 21.84
CA ARG D 42 9.34 -0.64 21.81
C ARG D 42 9.69 -0.43 20.34
N LEU D 43 10.19 0.76 20.00
CA LEU D 43 10.52 1.03 18.60
C LEU D 43 11.96 0.70 18.24
N ASP D 44 12.19 0.54 16.94
CA ASP D 44 13.49 0.20 16.34
C ASP D 44 13.65 -1.30 16.10
#